data_5QTP
#
_entry.id   5QTP
#
_cell.length_a   49.246
_cell.length_b   59.826
_cell.length_c   80.052
_cell.angle_alpha   79.420
_cell.angle_beta   81.550
_cell.angle_gamma   75.700
#
_symmetry.space_group_name_H-M   'P 1'
#
loop_
_entity.id
_entity.type
_entity.pdbx_description
1 polymer 'ADP-sugar pyrophosphatase'
2 non-polymer 'MAGNESIUM ION'
3 non-polymer 8-chloro-6-(trifluoromethyl)imidazo[1,2-a]pyridine-7-carbonitrile
4 non-polymer 1,2-ETHANEDIOL
5 non-polymer 'CHLORIDE ION'
6 water water
#
_entity_poly.entity_id   1
_entity_poly.type   'polypeptide(L)'
_entity_poly.pdbx_seq_one_letter_code
;SMESQEPTESSQNGKQYIISEELISEGKWVKLEKTTYMDPTGKTRTWESVKRTTRKEQTADGVAVIPVLQRTLHYECIVL
VKQFRPPMGGYCIEFPAGLIDDGETPEAAALRELEEETGYKGDIAECSPAVCMDPGLSNCTIHIVTVTINGDDAENARPK
PKPGDGEFVEVISLPKNDLLQRLDALVAEEHLTVDARVYSYALALKHAN
;
_entity_poly.pdbx_strand_id   A,B,C,D
#
loop_
_chem_comp.id
_chem_comp.type
_chem_comp.name
_chem_comp.formula
CL non-polymer 'CHLORIDE ION' 'Cl -1'
EDO non-polymer 1,2-ETHANEDIOL 'C2 H6 O2'
MG non-polymer 'MAGNESIUM ION' 'Mg 2'
PWJ non-polymer 8-chloro-6-(trifluoromethyl)imidazo[1,2-a]pyridine-7-carbonitrile 'C9 H3 Cl F3 N3'
#
# COMPACT_ATOMS: atom_id res chain seq x y z
N LYS A 15 -10.18 -45.34 -4.51
CA LYS A 15 -9.83 -46.78 -4.36
C LYS A 15 -8.69 -46.97 -3.35
N GLN A 16 -8.25 -45.90 -2.69
CA GLN A 16 -7.44 -45.98 -1.43
C GLN A 16 -8.35 -45.75 -0.22
N TYR A 17 -7.98 -46.40 0.88
CA TYR A 17 -8.68 -46.33 2.20
C TYR A 17 -7.72 -46.75 3.30
N ILE A 18 -8.10 -46.40 4.53
CA ILE A 18 -7.36 -46.74 5.77
C ILE A 18 -7.66 -48.20 6.07
N ILE A 19 -6.64 -48.94 6.50
CA ILE A 19 -6.79 -50.33 7.03
C ILE A 19 -6.77 -50.29 8.56
N SER A 20 -5.82 -49.58 9.17
CA SER A 20 -5.66 -49.52 10.64
C SER A 20 -4.97 -48.22 11.02
N GLU A 21 -5.19 -47.79 12.26
CA GLU A 21 -4.54 -46.61 12.88
C GLU A 21 -4.09 -47.06 14.27
N GLU A 22 -2.77 -47.21 14.46
CA GLU A 22 -2.10 -47.65 15.70
C GLU A 22 -1.53 -46.43 16.41
N LEU A 23 -1.96 -46.18 17.64
CA LEU A 23 -1.36 -45.13 18.50
C LEU A 23 0.12 -45.48 18.68
N ILE A 24 1.02 -44.54 18.41
CA ILE A 24 2.46 -44.62 18.78
C ILE A 24 2.67 -43.89 20.12
N SER A 25 2.35 -42.61 20.17
CA SER A 25 2.57 -41.71 21.35
C SER A 25 1.39 -40.76 21.49
N GLU A 26 0.71 -40.74 22.64
CA GLU A 26 -0.42 -39.83 22.91
C GLU A 26 -0.01 -38.84 24.01
N GLY A 27 -0.01 -37.54 23.70
CA GLY A 27 0.15 -36.45 24.68
C GLY A 27 -1.18 -35.99 25.24
N LYS A 28 -1.18 -34.84 25.91
CA LYS A 28 -2.41 -34.19 26.43
C LYS A 28 -3.14 -33.48 25.28
N TRP A 29 -2.42 -33.12 24.22
CA TRP A 29 -2.88 -32.20 23.14
C TRP A 29 -2.75 -32.84 21.74
N VAL A 30 -1.79 -33.76 21.56
CA VAL A 30 -1.32 -34.27 20.23
C VAL A 30 -0.95 -35.74 20.37
N LYS A 31 -1.26 -36.55 19.36
CA LYS A 31 -0.80 -37.95 19.31
C LYS A 31 -0.13 -38.19 17.95
N LEU A 32 0.80 -39.15 17.89
CA LEU A 32 1.36 -39.71 16.63
C LEU A 32 0.79 -41.11 16.45
N GLU A 33 0.40 -41.45 15.22
CA GLU A 33 -0.22 -42.75 14.88
C GLU A 33 0.58 -43.37 13.74
N LYS A 34 0.65 -44.73 13.70
CA LYS A 34 1.11 -45.48 12.50
C LYS A 34 -0.12 -45.82 11.66
N THR A 35 -0.19 -45.25 10.45
CA THR A 35 -1.38 -45.35 9.60
C THR A 35 -1.10 -46.43 8.56
N THR A 36 -1.95 -47.45 8.51
CA THR A 36 -1.86 -48.48 7.46
C THR A 36 -3.01 -48.25 6.49
N TYR A 37 -2.68 -48.23 5.20
CA TYR A 37 -3.63 -47.95 4.11
C TYR A 37 -3.31 -48.78 2.87
N MET A 38 -4.31 -48.86 2.00
CA MET A 38 -4.31 -49.61 0.72
C MET A 38 -3.98 -48.64 -0.41
N ASP A 39 -2.87 -48.86 -1.12
CA ASP A 39 -2.44 -48.00 -2.26
C ASP A 39 -3.30 -48.43 -3.46
N PRO A 40 -3.31 -47.65 -4.57
CA PRO A 40 -4.23 -47.94 -5.67
C PRO A 40 -3.79 -49.11 -6.58
N THR A 41 -2.55 -49.61 -6.41
CA THR A 41 -2.05 -50.87 -7.05
C THR A 41 -2.47 -52.08 -6.19
N GLY A 42 -3.07 -51.84 -5.01
CA GLY A 42 -3.67 -52.87 -4.14
C GLY A 42 -2.69 -53.40 -3.08
N LYS A 43 -1.53 -52.76 -2.95
CA LYS A 43 -0.47 -53.05 -1.95
C LYS A 43 -0.73 -52.23 -0.65
N THR A 44 -0.52 -52.87 0.52
CA THR A 44 -0.58 -52.25 1.86
C THR A 44 0.66 -51.33 2.02
N ARG A 45 0.50 -50.08 2.45
CA ARG A 45 1.62 -49.20 2.88
C ARG A 45 1.33 -48.55 4.24
N THR A 46 2.34 -47.92 4.86
CA THR A 46 2.16 -47.23 6.16
C THR A 46 2.55 -45.77 6.03
N TRP A 47 2.05 -44.97 6.97
CA TRP A 47 2.31 -43.51 7.06
C TRP A 47 2.44 -43.14 8.54
N GLU A 48 3.18 -42.09 8.86
CA GLU A 48 3.22 -41.49 10.22
C GLU A 48 2.27 -40.29 10.25
N SER A 49 1.16 -40.41 10.98
CA SER A 49 0.06 -39.43 11.03
C SER A 49 0.04 -38.73 12.38
N VAL A 50 -0.19 -37.41 12.35
CA VAL A 50 -0.37 -36.54 13.54
C VAL A 50 -1.86 -36.23 13.66
N LYS A 51 -2.35 -36.26 14.89
CA LYS A 51 -3.73 -35.88 15.21
C LYS A 51 -3.75 -35.09 16.51
N ARG A 52 -4.77 -34.28 16.68
CA ARG A 52 -5.07 -33.62 17.95
C ARG A 52 -5.91 -34.62 18.75
N THR A 53 -5.84 -34.51 20.06
CA THR A 53 -6.62 -35.31 21.02
C THR A 53 -7.93 -34.59 21.39
N THR A 54 -8.08 -33.34 20.96
CA THR A 54 -9.09 -32.36 21.42
C THR A 54 -10.34 -32.34 20.51
N ARG A 55 -10.35 -33.11 19.42
CA ARG A 55 -11.47 -33.06 18.46
C ARG A 55 -12.51 -34.06 18.92
N LYS A 56 -13.71 -33.60 19.27
CA LYS A 56 -14.83 -34.48 19.70
C LYS A 56 -15.81 -34.63 18.52
N GLU A 57 -16.85 -33.81 18.46
CA GLU A 57 -17.91 -33.89 17.39
C GLU A 57 -17.90 -32.61 16.54
N GLN A 58 -16.80 -31.85 16.57
CA GLN A 58 -16.64 -30.61 15.77
C GLN A 58 -16.45 -31.02 14.31
N THR A 59 -16.94 -30.22 13.37
CA THR A 59 -16.79 -30.45 11.91
C THR A 59 -15.34 -30.19 11.50
N ALA A 60 -14.52 -29.72 12.45
CA ALA A 60 -13.11 -29.35 12.28
C ALA A 60 -12.49 -29.11 13.66
N ASP A 61 -11.17 -29.13 13.76
CA ASP A 61 -10.42 -28.78 14.99
C ASP A 61 -10.64 -27.29 15.38
N GLY A 62 -10.55 -26.41 14.41
CA GLY A 62 -10.42 -24.97 14.68
C GLY A 62 -11.12 -24.12 13.65
N VAL A 63 -10.97 -22.82 13.85
CA VAL A 63 -11.39 -21.76 12.92
C VAL A 63 -10.19 -20.83 12.73
N ALA A 64 -10.06 -20.33 11.53
CA ALA A 64 -9.25 -19.12 11.26
C ALA A 64 -10.20 -18.08 10.68
N VAL A 65 -9.99 -16.84 11.08
CA VAL A 65 -10.90 -15.73 10.79
C VAL A 65 -10.20 -14.81 9.80
N ILE A 66 -10.87 -14.53 8.70
CA ILE A 66 -10.38 -13.48 7.76
C ILE A 66 -11.22 -12.26 8.10
N PRO A 67 -10.65 -11.31 8.86
CA PRO A 67 -11.41 -10.20 9.40
C PRO A 67 -11.17 -8.93 8.58
N VAL A 68 -12.19 -8.49 7.85
CA VAL A 68 -12.10 -7.27 7.00
C VAL A 68 -12.61 -6.05 7.78
N LEU A 69 -11.69 -5.18 8.17
CA LEU A 69 -12.01 -4.01 8.97
C LEU A 69 -12.43 -2.93 8.01
N GLN A 70 -13.70 -2.54 8.06
CA GLN A 70 -14.33 -1.62 7.06
C GLN A 70 -14.66 -0.33 7.80
N ARG A 71 -14.26 0.81 7.24
CA ARG A 71 -14.46 2.11 7.92
C ARG A 71 -14.61 3.18 6.85
N THR A 72 -15.54 4.10 7.08
CA THR A 72 -15.80 5.23 6.15
C THR A 72 -14.48 5.99 5.95
N LEU A 73 -14.10 6.18 4.70
CA LEU A 73 -12.96 7.04 4.22
C LEU A 73 -11.63 6.40 4.65
N HIS A 74 -11.66 5.09 4.85
CA HIS A 74 -10.43 4.25 5.03
C HIS A 74 -10.45 3.13 4.01
N TYR A 75 -9.26 2.74 3.50
CA TYR A 75 -9.07 1.48 2.76
C TYR A 75 -9.42 0.33 3.70
N GLU A 76 -10.02 -0.72 3.17
CA GLU A 76 -10.30 -1.97 3.96
C GLU A 76 -8.98 -2.51 4.51
N CYS A 77 -8.94 -2.94 5.77
CA CYS A 77 -7.74 -3.58 6.37
C CYS A 77 -8.08 -5.04 6.63
N ILE A 78 -7.09 -5.90 6.48
CA ILE A 78 -7.16 -7.30 6.98
C ILE A 78 -6.56 -7.24 8.38
N VAL A 79 -7.25 -7.77 9.37
CA VAL A 79 -6.75 -7.75 10.79
C VAL A 79 -6.03 -9.07 11.05
N LEU A 80 -4.78 -8.96 11.45
CA LEU A 80 -3.86 -10.08 11.72
C LEU A 80 -3.35 -10.07 13.16
N VAL A 81 -2.82 -11.21 13.60
CA VAL A 81 -2.30 -11.31 14.98
C VAL A 81 -0.87 -11.83 14.92
N LYS A 82 -0.06 -11.38 15.88
CA LYS A 82 1.37 -11.68 16.07
C LYS A 82 1.49 -12.28 17.46
N GLN A 83 1.96 -13.52 17.55
CA GLN A 83 2.04 -14.30 18.80
C GLN A 83 3.34 -15.09 18.77
N PHE A 84 3.86 -15.40 19.93
CA PHE A 84 4.92 -16.41 20.03
C PHE A 84 4.23 -17.77 19.88
N ARG A 85 4.80 -18.61 19.04
CA ARG A 85 4.37 -19.99 18.75
C ARG A 85 5.49 -20.93 19.18
N PRO A 86 5.34 -21.58 20.35
CA PRO A 86 6.35 -22.51 20.84
C PRO A 86 6.84 -23.51 19.79
N PRO A 87 5.98 -24.19 18.97
CA PRO A 87 6.48 -25.08 17.93
C PRO A 87 7.44 -24.43 16.94
N MET A 88 7.23 -23.15 16.62
CA MET A 88 8.10 -22.45 15.65
C MET A 88 9.35 -21.92 16.36
N GLY A 89 9.29 -21.72 17.69
CA GLY A 89 10.39 -21.09 18.47
C GLY A 89 10.54 -19.60 18.14
N GLY A 90 9.43 -18.89 17.92
CA GLY A 90 9.44 -17.48 17.53
C GLY A 90 8.04 -16.93 17.27
N TYR A 91 8.00 -15.70 16.80
CA TYR A 91 6.77 -14.91 16.58
C TYR A 91 6.25 -15.17 15.17
N CYS A 92 4.94 -15.35 15.05
CA CYS A 92 4.30 -15.69 13.74
C CYS A 92 3.20 -14.67 13.49
N ILE A 93 3.00 -14.30 12.23
CA ILE A 93 1.86 -13.42 11.83
C ILE A 93 0.78 -14.30 11.21
N GLU A 94 -0.41 -14.29 11.81
CA GLU A 94 -1.48 -15.24 11.37
C GLU A 94 -2.84 -14.55 11.30
N PHE A 95 -3.82 -15.21 10.68
CA PHE A 95 -5.24 -14.87 10.88
C PHE A 95 -5.57 -15.22 12.32
N PRO A 96 -6.48 -14.46 12.93
CA PRO A 96 -6.94 -14.80 14.28
C PRO A 96 -7.58 -16.20 14.19
N ALA A 97 -7.37 -17.03 15.18
CA ALA A 97 -7.66 -18.46 15.10
C ALA A 97 -7.71 -19.05 16.50
N GLY A 98 -8.45 -20.16 16.61
CA GLY A 98 -8.51 -20.95 17.84
C GLY A 98 -9.28 -22.23 17.60
N LEU A 99 -9.20 -23.14 18.56
CA LEU A 99 -9.89 -24.42 18.46
C LEU A 99 -11.40 -24.19 18.70
N ILE A 100 -12.26 -25.01 18.12
CA ILE A 100 -13.73 -24.91 18.36
C ILE A 100 -14.02 -25.61 19.69
N ASP A 101 -14.68 -24.95 20.66
CA ASP A 101 -15.11 -25.62 21.93
C ASP A 101 -16.19 -26.65 21.61
N ASP A 102 -16.28 -27.72 22.41
CA ASP A 102 -17.29 -28.79 22.26
C ASP A 102 -18.68 -28.14 22.20
N GLY A 103 -19.44 -28.35 21.13
CA GLY A 103 -20.83 -27.89 20.98
C GLY A 103 -20.91 -26.51 20.36
N GLU A 104 -19.77 -25.89 20.09
CA GLU A 104 -19.68 -24.52 19.55
C GLU A 104 -19.80 -24.61 18.02
N THR A 105 -20.53 -23.71 17.37
CA THR A 105 -20.58 -23.62 15.89
C THR A 105 -19.24 -23.07 15.40
N PRO A 106 -18.78 -23.39 14.17
CA PRO A 106 -17.61 -22.66 13.63
C PRO A 106 -17.78 -21.12 13.64
N GLU A 107 -18.95 -20.60 13.23
CA GLU A 107 -19.26 -19.15 13.24
C GLU A 107 -19.07 -18.56 14.64
N ALA A 108 -19.61 -19.19 15.68
CA ALA A 108 -19.53 -18.70 17.09
C ALA A 108 -18.07 -18.71 17.54
N ALA A 109 -17.35 -19.81 17.25
CA ALA A 109 -15.92 -19.97 17.54
C ALA A 109 -15.17 -18.81 16.87
N ALA A 110 -15.49 -18.50 15.61
CA ALA A 110 -14.77 -17.44 14.86
C ALA A 110 -15.00 -16.08 15.50
N LEU A 111 -16.25 -15.73 15.75
CA LEU A 111 -16.56 -14.40 16.34
C LEU A 111 -15.96 -14.33 17.75
N ARG A 112 -15.97 -15.42 18.52
CA ARG A 112 -15.46 -15.41 19.90
C ARG A 112 -13.93 -15.22 19.85
N GLU A 113 -13.24 -16.01 19.05
CA GLU A 113 -11.76 -15.96 18.95
C GLU A 113 -11.36 -14.58 18.42
N LEU A 114 -12.05 -14.04 17.41
CA LEU A 114 -11.77 -12.66 16.91
C LEU A 114 -11.89 -11.62 18.03
N GLU A 115 -12.99 -11.62 18.79
CA GLU A 115 -13.14 -10.68 19.91
C GLU A 115 -12.02 -10.89 20.94
N GLU A 116 -11.75 -12.13 21.35
CA GLU A 116 -10.76 -12.45 22.41
C GLU A 116 -9.37 -12.00 21.97
N GLU A 117 -9.01 -12.26 20.71
CA GLU A 117 -7.63 -11.98 20.23
C GLU A 117 -7.44 -10.53 19.75
N THR A 118 -8.49 -9.87 19.23
CA THR A 118 -8.33 -8.50 18.65
C THR A 118 -9.17 -7.47 19.41
N GLY A 119 -10.21 -7.88 20.12
CA GLY A 119 -11.20 -6.94 20.67
C GLY A 119 -12.32 -6.59 19.70
N TYR A 120 -12.15 -6.81 18.40
CA TYR A 120 -13.21 -6.51 17.41
C TYR A 120 -14.39 -7.46 17.56
N LYS A 121 -15.59 -6.86 17.38
CA LYS A 121 -16.88 -7.56 17.25
C LYS A 121 -17.26 -7.57 15.79
N GLY A 122 -17.12 -8.72 15.14
CA GLY A 122 -17.29 -8.85 13.69
C GLY A 122 -18.71 -9.21 13.36
N ASP A 123 -19.03 -9.29 12.05
CA ASP A 123 -20.30 -9.84 11.49
C ASP A 123 -19.93 -10.99 10.55
N ILE A 124 -20.59 -12.13 10.69
CA ILE A 124 -20.34 -13.25 9.77
C ILE A 124 -20.58 -12.79 8.32
N ALA A 125 -19.69 -13.19 7.40
CA ALA A 125 -19.86 -13.03 5.94
C ALA A 125 -20.02 -14.40 5.28
N GLU A 126 -19.12 -15.34 5.56
CA GLU A 126 -19.12 -16.68 4.93
C GLU A 126 -18.30 -17.63 5.79
N CYS A 127 -18.55 -18.89 5.59
CA CYS A 127 -17.91 -19.99 6.32
C CYS A 127 -17.56 -21.10 5.36
N SER A 128 -16.28 -21.45 5.27
CA SER A 128 -15.78 -22.52 4.39
C SER A 128 -16.25 -23.84 4.93
N PRO A 129 -16.30 -24.88 4.08
CA PRO A 129 -16.24 -26.27 4.55
C PRO A 129 -14.95 -26.46 5.35
N ALA A 130 -14.87 -27.57 6.07
CA ALA A 130 -13.63 -27.97 6.78
C ALA A 130 -12.49 -28.16 5.77
N VAL A 131 -11.38 -27.45 5.96
CA VAL A 131 -10.19 -27.47 5.05
C VAL A 131 -8.95 -27.98 5.80
N CYS A 132 -8.04 -28.67 5.11
CA CYS A 132 -6.93 -29.41 5.78
C CYS A 132 -5.73 -28.48 5.96
N MET A 133 -5.12 -28.56 7.13
CA MET A 133 -3.97 -27.70 7.51
C MET A 133 -2.67 -28.16 6.86
N ASP A 134 -2.40 -29.46 6.81
CA ASP A 134 -1.11 -29.95 6.33
C ASP A 134 -1.32 -31.45 6.08
N PRO A 135 -2.05 -31.82 5.02
CA PRO A 135 -2.66 -33.15 4.96
C PRO A 135 -1.66 -34.29 4.71
N GLY A 136 -0.41 -33.98 4.37
CA GLY A 136 0.67 -35.00 4.32
C GLY A 136 1.20 -35.36 5.69
N LEU A 137 0.80 -34.62 6.73
CA LEU A 137 1.39 -34.74 8.08
C LEU A 137 0.28 -35.04 9.11
N SER A 138 -0.85 -34.33 9.01
CA SER A 138 -1.87 -34.30 10.10
C SER A 138 -3.27 -34.44 9.52
N ASN A 139 -4.22 -34.77 10.38
CA ASN A 139 -5.66 -34.79 10.03
C ASN A 139 -6.25 -33.41 10.38
N CYS A 140 -5.46 -32.42 10.76
CA CYS A 140 -6.00 -31.14 11.31
C CYS A 140 -6.77 -30.38 10.24
N THR A 141 -7.92 -29.90 10.68
CA THR A 141 -8.84 -29.13 9.83
C THR A 141 -9.31 -27.87 10.58
N ILE A 142 -9.60 -26.87 9.76
CA ILE A 142 -10.28 -25.62 10.17
C ILE A 142 -11.45 -25.33 9.27
N HIS A 143 -12.35 -24.49 9.77
CA HIS A 143 -13.21 -23.60 8.97
C HIS A 143 -12.52 -22.24 8.84
N ILE A 144 -12.41 -21.74 7.63
CA ILE A 144 -12.00 -20.36 7.34
C ILE A 144 -13.28 -19.52 7.29
N VAL A 145 -13.44 -18.65 8.27
CA VAL A 145 -14.65 -17.79 8.43
C VAL A 145 -14.30 -16.35 8.08
N THR A 146 -14.89 -15.85 7.01
CA THR A 146 -14.81 -14.43 6.60
C THR A 146 -15.81 -13.67 7.45
N VAL A 147 -15.33 -12.60 8.08
CA VAL A 147 -16.07 -11.74 9.00
C VAL A 147 -15.75 -10.30 8.59
N THR A 148 -16.76 -9.47 8.46
CA THR A 148 -16.63 -8.00 8.26
C THR A 148 -16.66 -7.36 9.64
N ILE A 149 -15.82 -6.37 9.90
CA ILE A 149 -15.83 -5.57 11.15
C ILE A 149 -16.25 -4.14 10.79
N ASN A 150 -17.33 -3.66 11.41
CA ASN A 150 -17.82 -2.28 11.20
C ASN A 150 -16.95 -1.40 12.11
N GLY A 151 -15.86 -0.83 11.57
CA GLY A 151 -14.94 0.01 12.35
C GLY A 151 -15.52 1.37 12.68
N ASP A 152 -16.72 1.70 12.18
CA ASP A 152 -17.41 2.97 12.56
C ASP A 152 -18.39 2.74 13.72
N ASP A 153 -18.66 1.49 14.10
CA ASP A 153 -19.47 1.18 15.31
C ASP A 153 -18.64 1.54 16.55
N ALA A 154 -19.27 2.19 17.53
CA ALA A 154 -18.66 2.57 18.83
C ALA A 154 -18.05 1.33 19.52
N GLU A 155 -18.65 0.15 19.30
CA GLU A 155 -18.21 -1.15 19.88
C GLU A 155 -16.79 -1.47 19.40
N ASN A 156 -16.37 -0.90 18.26
CA ASN A 156 -15.07 -1.21 17.61
C ASN A 156 -14.19 0.03 17.57
N ALA A 157 -14.47 0.99 18.47
CA ALA A 157 -13.69 2.26 18.60
C ALA A 157 -12.28 1.92 19.08
N ARG A 158 -12.09 1.69 20.38
CA ARG A 158 -10.79 1.29 20.98
C ARG A 158 -10.95 -0.16 21.44
N PRO A 159 -10.76 -1.16 20.53
CA PRO A 159 -10.99 -2.56 20.86
C PRO A 159 -9.92 -3.08 21.83
N LYS A 160 -10.34 -3.82 22.87
CA LYS A 160 -9.47 -4.39 23.94
C LYS A 160 -9.41 -5.91 23.83
N PRO A 161 -8.27 -6.51 23.40
CA PRO A 161 -8.11 -7.97 23.44
C PRO A 161 -8.46 -8.53 24.83
N LYS A 162 -9.12 -9.70 24.88
CA LYS A 162 -9.37 -10.50 26.12
C LYS A 162 -8.55 -11.78 26.03
N PRO A 163 -7.20 -11.69 26.10
CA PRO A 163 -6.36 -12.88 26.09
C PRO A 163 -6.71 -13.76 27.31
N GLY A 164 -6.93 -15.05 27.07
CA GLY A 164 -7.10 -16.08 28.11
C GLY A 164 -5.79 -16.36 28.80
N ASP A 165 -5.74 -17.41 29.63
CA ASP A 165 -4.51 -17.75 30.40
C ASP A 165 -3.41 -18.11 29.39
N GLY A 166 -2.24 -17.46 29.49
CA GLY A 166 -1.07 -17.76 28.63
C GLY A 166 -1.28 -17.34 27.18
N GLU A 167 -2.25 -16.46 26.90
CA GLU A 167 -2.47 -15.82 25.57
C GLU A 167 -1.85 -14.42 25.64
N PHE A 168 -1.00 -14.09 24.66
CA PHE A 168 -0.28 -12.79 24.57
C PHE A 168 -0.22 -12.38 23.10
N VAL A 169 -1.26 -11.69 22.63
CA VAL A 169 -1.50 -11.40 21.19
C VAL A 169 -1.41 -9.91 20.91
N GLU A 170 -0.66 -9.55 19.87
CA GLU A 170 -0.58 -8.17 19.32
C GLU A 170 -1.44 -8.13 18.06
N VAL A 171 -2.19 -7.04 17.83
CA VAL A 171 -3.02 -6.83 16.62
C VAL A 171 -2.25 -6.05 15.55
N ILE A 172 -2.30 -6.51 14.32
CA ILE A 172 -1.63 -5.84 13.18
C ILE A 172 -2.66 -5.76 12.06
N SER A 173 -3.14 -4.58 11.75
CA SER A 173 -4.14 -4.35 10.68
C SER A 173 -3.45 -3.80 9.45
N LEU A 174 -3.57 -4.47 8.32
CA LEU A 174 -2.84 -4.04 7.13
C LEU A 174 -3.82 -3.80 6.02
N PRO A 175 -3.59 -2.79 5.18
CA PRO A 175 -4.48 -2.51 4.06
C PRO A 175 -4.48 -3.67 3.07
N LYS A 176 -5.68 -4.17 2.77
CA LYS A 176 -5.97 -5.20 1.75
C LYS A 176 -5.27 -4.93 0.42
N ASN A 177 -5.32 -3.67 -0.03
CA ASN A 177 -4.83 -3.16 -1.34
C ASN A 177 -3.30 -3.13 -1.36
N ASP A 178 -2.63 -3.48 -0.26
CA ASP A 178 -1.13 -3.52 -0.23
C ASP A 178 -0.64 -4.62 0.72
N LEU A 179 -1.43 -5.69 0.90
CA LEU A 179 -1.18 -6.66 1.97
C LEU A 179 0.18 -7.33 1.78
N LEU A 180 0.47 -7.85 0.59
CA LEU A 180 1.71 -8.62 0.38
C LEU A 180 2.93 -7.72 0.63
N GLN A 181 2.95 -6.48 0.14
CA GLN A 181 4.14 -5.59 0.34
C GLN A 181 4.29 -5.26 1.81
N ARG A 182 3.19 -5.07 2.55
CA ARG A 182 3.26 -4.70 3.99
C ARG A 182 3.74 -5.87 4.87
N LEU A 183 3.39 -7.11 4.52
CA LEU A 183 3.93 -8.34 5.18
C LEU A 183 5.45 -8.49 4.90
N ASP A 184 5.85 -8.33 3.66
CA ASP A 184 7.29 -8.24 3.23
C ASP A 184 8.00 -7.21 4.10
N ALA A 185 7.48 -6.00 4.24
CA ALA A 185 8.12 -4.93 5.03
C ALA A 185 8.22 -5.39 6.49
N LEU A 186 7.23 -6.14 7.00
CA LEU A 186 7.26 -6.58 8.41
C LEU A 186 8.35 -7.65 8.56
N VAL A 187 8.46 -8.56 7.58
CA VAL A 187 9.42 -9.69 7.58
C VAL A 187 10.84 -9.13 7.39
N ALA A 188 11.02 -8.14 6.50
CA ALA A 188 12.33 -7.49 6.29
C ALA A 188 12.85 -6.86 7.60
N GLU A 189 11.95 -6.46 8.53
CA GLU A 189 12.25 -5.59 9.71
C GLU A 189 12.56 -6.38 10.99
N GLU A 190 12.23 -7.67 11.11
CA GLU A 190 12.66 -8.51 12.28
C GLU A 190 12.49 -10.00 12.00
N HIS A 191 12.74 -10.84 13.03
CA HIS A 191 12.62 -12.32 12.96
C HIS A 191 11.17 -12.72 13.26
N LEU A 192 10.52 -13.30 12.26
CA LEU A 192 9.07 -13.58 12.34
C LEU A 192 8.63 -14.20 11.02
N THR A 193 7.75 -15.17 11.14
CA THR A 193 7.26 -16.03 10.06
C THR A 193 5.85 -15.55 9.76
N VAL A 194 5.56 -15.35 8.49
CA VAL A 194 4.16 -15.22 8.07
C VAL A 194 3.59 -16.63 7.88
N ASP A 195 2.34 -16.81 8.25
CA ASP A 195 1.55 -18.05 8.03
C ASP A 195 1.27 -18.26 6.55
N ALA A 196 1.29 -19.51 6.13
CA ALA A 196 1.10 -19.90 4.72
C ALA A 196 -0.27 -19.42 4.24
N ARG A 197 -1.30 -19.43 5.10
CA ARG A 197 -2.69 -19.04 4.67
C ARG A 197 -2.76 -17.53 4.42
N VAL A 198 -2.14 -16.76 5.29
CA VAL A 198 -2.04 -15.29 5.14
C VAL A 198 -1.27 -15.00 3.85
N TYR A 199 -0.22 -15.76 3.55
CA TYR A 199 0.69 -15.41 2.43
C TYR A 199 -0.06 -15.77 1.15
N SER A 200 -0.81 -16.84 1.23
CA SER A 200 -1.59 -17.36 0.08
C SER A 200 -2.67 -16.32 -0.24
N TYR A 201 -3.29 -15.77 0.81
CA TYR A 201 -4.37 -14.78 0.67
C TYR A 201 -3.76 -13.47 0.12
N ALA A 202 -2.60 -13.03 0.62
CA ALA A 202 -1.95 -11.80 0.11
C ALA A 202 -1.50 -12.02 -1.35
N LEU A 203 -0.99 -13.19 -1.71
CA LEU A 203 -0.60 -13.49 -3.11
C LEU A 203 -1.82 -13.36 -4.03
N ALA A 204 -2.99 -13.96 -3.69
CA ALA A 204 -4.17 -13.91 -4.58
C ALA A 204 -4.62 -12.44 -4.72
N LEU A 205 -4.54 -11.62 -3.65
CA LEU A 205 -4.90 -10.18 -3.74
C LEU A 205 -4.03 -9.51 -4.82
N LYS A 206 -2.73 -9.84 -4.87
CA LYS A 206 -1.81 -9.34 -5.94
C LYS A 206 -2.20 -9.92 -7.30
N HIS A 207 -2.38 -11.24 -7.38
CA HIS A 207 -2.61 -11.94 -8.68
C HIS A 207 -3.95 -11.52 -9.27
N ALA A 208 -4.90 -11.07 -8.46
CA ALA A 208 -6.21 -10.64 -8.97
C ALA A 208 -6.01 -9.29 -9.67
N LYS B 15 10.71 -10.93 24.42
CA LYS B 15 10.01 -11.22 25.70
C LYS B 15 9.88 -12.74 25.86
N GLN B 16 9.43 -13.48 24.83
CA GLN B 16 9.19 -14.96 24.91
C GLN B 16 10.27 -15.72 24.14
N TYR B 17 10.67 -16.89 24.66
CA TYR B 17 11.70 -17.74 24.02
C TYR B 17 11.61 -19.18 24.53
N ILE B 18 12.22 -20.09 23.77
CA ILE B 18 12.40 -21.53 24.10
C ILE B 18 13.50 -21.62 25.16
N ILE B 19 13.27 -22.43 26.17
CA ILE B 19 14.27 -22.80 27.22
C ILE B 19 14.89 -24.14 26.84
N SER B 20 14.05 -25.17 26.74
CA SER B 20 14.48 -26.55 26.34
C SER B 20 13.39 -27.25 25.54
N GLU B 21 13.80 -28.25 24.76
CA GLU B 21 12.92 -29.22 24.05
C GLU B 21 13.24 -30.62 24.61
N GLU B 22 12.21 -31.39 24.94
CA GLU B 22 12.33 -32.78 25.41
C GLU B 22 11.65 -33.69 24.37
N LEU B 23 12.38 -34.65 23.82
CA LEU B 23 11.83 -35.62 22.83
C LEU B 23 10.85 -36.58 23.52
N ILE B 24 9.65 -36.75 22.94
CA ILE B 24 8.59 -37.66 23.46
C ILE B 24 8.58 -38.94 22.63
N SER B 25 8.72 -38.80 21.31
CA SER B 25 8.57 -39.93 20.37
C SER B 25 9.06 -39.45 19.01
N GLU B 26 9.87 -40.28 18.34
CA GLU B 26 10.54 -39.95 17.07
C GLU B 26 10.26 -41.10 16.12
N GLY B 27 9.55 -40.85 15.04
CA GLY B 27 9.37 -41.82 13.94
C GLY B 27 10.46 -41.65 12.91
N LYS B 28 10.27 -42.23 11.74
CA LYS B 28 11.18 -42.08 10.59
C LYS B 28 11.01 -40.68 9.96
N TRP B 29 9.81 -40.10 10.10
CA TRP B 29 9.34 -38.91 9.33
C TRP B 29 8.99 -37.73 10.27
N VAL B 30 8.43 -38.04 11.44
CA VAL B 30 7.82 -37.01 12.33
C VAL B 30 8.24 -37.33 13.77
N LYS B 31 8.43 -36.31 14.61
CA LYS B 31 8.64 -36.46 16.08
C LYS B 31 7.75 -35.52 16.91
N LEU B 32 7.32 -35.98 18.09
CA LEU B 32 6.64 -35.17 19.15
C LEU B 32 7.70 -34.68 20.12
N GLU B 33 7.66 -33.39 20.46
CA GLU B 33 8.54 -32.81 21.49
C GLU B 33 7.67 -32.15 22.55
N LYS B 34 8.17 -32.11 23.77
CA LYS B 34 7.57 -31.23 24.82
C LYS B 34 8.46 -29.99 24.91
N THR B 35 7.93 -28.84 24.52
CA THR B 35 8.65 -27.55 24.51
C THR B 35 8.42 -26.79 25.81
N THR B 36 9.50 -26.42 26.48
CA THR B 36 9.44 -25.46 27.61
C THR B 36 9.84 -24.06 27.14
N TYR B 37 9.02 -23.08 27.48
CA TYR B 37 9.18 -21.70 26.99
C TYR B 37 8.81 -20.72 28.09
N MET B 38 9.40 -19.54 28.00
CA MET B 38 9.17 -18.42 28.93
C MET B 38 7.99 -17.62 28.40
N ASP B 39 6.95 -17.52 29.19
CA ASP B 39 5.75 -16.72 28.86
C ASP B 39 6.15 -15.28 29.20
N PRO B 40 5.47 -14.26 28.66
CA PRO B 40 5.98 -12.89 28.72
C PRO B 40 5.78 -12.23 30.10
N THR B 41 5.14 -12.93 31.04
CA THR B 41 5.06 -12.54 32.48
C THR B 41 6.33 -12.97 33.24
N GLY B 42 7.11 -13.92 32.71
CA GLY B 42 8.21 -14.60 33.43
C GLY B 42 7.82 -15.98 33.94
N LYS B 43 6.63 -16.48 33.57
CA LYS B 43 6.12 -17.82 33.97
C LYS B 43 6.58 -18.86 32.94
N THR B 44 7.10 -19.97 33.42
CA THR B 44 7.56 -21.13 32.59
C THR B 44 6.33 -21.96 32.21
N ARG B 45 6.26 -22.38 30.95
CA ARG B 45 5.07 -23.09 30.38
C ARG B 45 5.56 -24.14 29.40
N THR B 46 4.69 -25.11 29.05
CA THR B 46 5.04 -26.24 28.19
C THR B 46 4.05 -26.31 27.02
N TRP B 47 4.53 -26.84 25.90
CA TRP B 47 3.74 -26.99 24.66
C TRP B 47 4.09 -28.35 24.03
N GLU B 48 3.09 -28.99 23.45
CA GLU B 48 3.32 -30.23 22.67
C GLU B 48 3.52 -29.78 21.21
N SER B 49 4.77 -29.90 20.73
CA SER B 49 5.24 -29.47 19.41
C SER B 49 5.54 -30.67 18.49
N VAL B 50 5.16 -30.58 17.21
CA VAL B 50 5.46 -31.59 16.16
C VAL B 50 6.55 -31.03 15.24
N LYS B 51 7.57 -31.83 14.94
CA LYS B 51 8.56 -31.47 13.91
C LYS B 51 8.75 -32.66 12.96
N ARG B 52 9.05 -32.35 11.70
CA ARG B 52 9.57 -33.37 10.77
C ARG B 52 11.01 -33.72 11.18
N THR B 53 11.43 -34.94 10.86
CA THR B 53 12.79 -35.48 11.05
C THR B 53 13.67 -35.12 9.85
N THR B 54 13.05 -34.74 8.73
CA THR B 54 13.67 -34.71 7.38
C THR B 54 14.38 -33.39 7.05
N ARG B 55 14.16 -32.32 7.81
CA ARG B 55 14.70 -30.99 7.44
C ARG B 55 16.17 -30.89 7.82
N LYS B 56 17.02 -30.71 6.80
CA LYS B 56 18.50 -30.56 6.92
C LYS B 56 18.97 -29.64 5.78
N GLN B 58 18.07 -26.79 4.83
CA GLN B 58 17.10 -26.19 3.88
C GLN B 58 16.45 -24.95 4.51
N THR B 59 15.98 -24.02 3.68
CA THR B 59 15.27 -22.77 4.06
C THR B 59 13.91 -23.08 4.71
N ALA B 60 13.36 -24.27 4.45
CA ALA B 60 12.02 -24.73 4.83
C ALA B 60 11.97 -26.24 4.62
N ASP B 61 10.91 -26.90 5.08
CA ASP B 61 10.69 -28.35 4.81
C ASP B 61 10.32 -28.60 3.36
N GLY B 62 9.37 -27.81 2.83
CA GLY B 62 8.69 -28.06 1.55
C GLY B 62 8.53 -26.81 0.70
N VAL B 63 8.06 -27.04 -0.52
CA VAL B 63 7.46 -26.06 -1.43
C VAL B 63 6.02 -26.45 -1.77
N ALA B 64 5.20 -25.44 -2.01
CA ALA B 64 3.87 -25.55 -2.63
C ALA B 64 3.92 -24.64 -3.86
N VAL B 65 3.41 -25.14 -4.95
CA VAL B 65 3.49 -24.44 -6.24
C VAL B 65 2.10 -23.94 -6.56
N ILE B 66 1.99 -22.65 -6.78
CA ILE B 66 0.81 -22.01 -7.41
C ILE B 66 1.06 -21.96 -8.92
N PRO B 67 0.49 -22.91 -9.69
CA PRO B 67 0.79 -23.08 -11.11
C PRO B 67 -0.33 -22.43 -11.92
N VAL B 68 0.00 -21.29 -12.50
CA VAL B 68 -0.94 -20.53 -13.37
C VAL B 68 -0.74 -21.02 -14.80
N LEU B 69 -1.71 -21.79 -15.29
CA LEU B 69 -1.72 -22.37 -16.65
C LEU B 69 -2.34 -21.36 -17.62
N GLN B 70 -1.51 -20.83 -18.50
CA GLN B 70 -1.87 -19.74 -19.44
C GLN B 70 -2.00 -20.34 -20.85
N ARG B 71 -3.22 -20.45 -21.36
CA ARG B 71 -3.46 -20.87 -22.76
C ARG B 71 -4.15 -19.71 -23.47
N THR B 72 -3.75 -19.41 -24.71
CA THR B 72 -4.43 -18.37 -25.49
C THR B 72 -5.88 -18.81 -25.79
N LEU B 73 -6.79 -17.83 -25.70
CA LEU B 73 -8.26 -17.97 -25.94
C LEU B 73 -8.90 -18.94 -24.97
N HIS B 74 -8.28 -19.13 -23.80
CA HIS B 74 -8.81 -19.97 -22.70
C HIS B 74 -8.78 -19.15 -21.43
N TYR B 75 -9.64 -19.48 -20.49
CA TYR B 75 -9.52 -18.94 -19.13
C TYR B 75 -8.18 -19.41 -18.58
N GLU B 76 -7.52 -18.51 -17.85
CA GLU B 76 -6.35 -18.80 -17.00
C GLU B 76 -6.80 -19.80 -15.93
N CYS B 77 -6.05 -20.89 -15.77
CA CYS B 77 -6.38 -21.96 -14.81
C CYS B 77 -5.29 -22.10 -13.76
N ILE B 78 -5.73 -22.49 -12.57
CA ILE B 78 -4.85 -22.86 -11.45
C ILE B 78 -4.86 -24.38 -11.43
N VAL B 79 -3.71 -24.98 -11.58
CA VAL B 79 -3.56 -26.45 -11.62
C VAL B 79 -3.42 -27.02 -10.20
N LEU B 80 -4.31 -27.89 -9.80
CA LEU B 80 -4.22 -28.50 -8.46
C LEU B 80 -4.08 -30.00 -8.63
N VAL B 81 -3.85 -30.69 -7.54
CA VAL B 81 -3.65 -32.16 -7.52
C VAL B 81 -4.60 -32.75 -6.50
N LYS B 82 -5.15 -33.91 -6.82
CA LYS B 82 -6.01 -34.67 -5.91
C LYS B 82 -5.26 -35.95 -5.55
N GLN B 83 -5.12 -36.24 -4.27
CA GLN B 83 -4.37 -37.43 -3.76
C GLN B 83 -5.05 -37.93 -2.48
N PHE B 84 -4.89 -39.22 -2.23
CA PHE B 84 -5.29 -39.84 -0.96
C PHE B 84 -4.24 -39.40 0.05
N ARG B 85 -4.71 -38.91 1.19
CA ARG B 85 -3.82 -38.42 2.27
C ARG B 85 -4.06 -39.27 3.51
N PRO B 86 -3.12 -40.17 3.85
CA PRO B 86 -3.36 -41.13 4.94
C PRO B 86 -3.69 -40.46 6.28
N PRO B 87 -3.08 -39.33 6.67
CA PRO B 87 -3.45 -38.65 7.92
C PRO B 87 -4.91 -38.18 7.89
N MET B 88 -5.44 -37.82 6.72
CA MET B 88 -6.81 -37.30 6.56
C MET B 88 -7.82 -38.45 6.39
N GLY B 89 -7.39 -39.64 5.99
CA GLY B 89 -8.27 -40.81 5.73
C GLY B 89 -9.15 -40.57 4.52
N GLY B 90 -8.72 -39.71 3.59
CA GLY B 90 -9.53 -39.36 2.41
C GLY B 90 -8.71 -38.61 1.37
N TYR B 91 -9.38 -38.23 0.30
CA TYR B 91 -8.78 -37.50 -0.84
C TYR B 91 -8.84 -36.00 -0.53
N CYS B 92 -7.76 -35.31 -0.82
CA CYS B 92 -7.60 -33.84 -0.70
C CYS B 92 -7.24 -33.23 -2.05
N ILE B 93 -7.66 -31.99 -2.26
CA ILE B 93 -7.26 -31.12 -3.40
C ILE B 93 -6.24 -30.11 -2.86
N GLU B 94 -5.08 -30.05 -3.48
CA GLU B 94 -3.93 -29.27 -2.99
C GLU B 94 -3.17 -28.63 -4.14
N PHE B 95 -2.37 -27.63 -3.83
CA PHE B 95 -1.33 -27.13 -4.76
C PHE B 95 -0.32 -28.25 -4.91
N PRO B 96 0.26 -28.45 -6.10
CA PRO B 96 1.35 -29.40 -6.23
C PRO B 96 2.42 -29.01 -5.21
N ALA B 97 3.07 -29.99 -4.60
CA ALA B 97 3.89 -29.78 -3.39
C ALA B 97 4.76 -30.99 -3.11
N GLY B 98 5.93 -30.74 -2.57
CA GLY B 98 6.71 -31.80 -1.90
C GLY B 98 7.85 -31.21 -1.05
N LEU B 99 8.58 -32.10 -0.37
CA LEU B 99 9.74 -31.74 0.47
C LEU B 99 10.92 -31.33 -0.43
N ILE B 100 11.71 -30.37 0.04
CA ILE B 100 12.95 -29.90 -0.62
C ILE B 100 14.06 -30.92 -0.30
N ASP B 101 14.75 -31.38 -1.36
CA ASP B 101 15.89 -32.33 -1.26
C ASP B 101 17.09 -31.58 -0.68
N ASP B 102 17.88 -32.22 0.19
CA ASP B 102 19.12 -31.62 0.74
C ASP B 102 19.97 -31.14 -0.46
N GLY B 103 20.38 -29.88 -0.47
CA GLY B 103 21.20 -29.28 -1.54
C GLY B 103 20.36 -28.80 -2.73
N GLU B 104 19.04 -28.89 -2.63
CA GLU B 104 18.10 -28.38 -3.66
C GLU B 104 17.62 -27.00 -3.21
N THR B 105 17.39 -26.10 -4.17
CA THR B 105 16.85 -24.74 -3.93
C THR B 105 15.33 -24.80 -3.98
N PRO B 106 14.60 -23.88 -3.29
CA PRO B 106 13.13 -23.95 -3.27
C PRO B 106 12.56 -23.81 -4.69
N GLU B 107 13.19 -22.99 -5.51
CA GLU B 107 12.83 -22.81 -6.95
C GLU B 107 12.97 -24.14 -7.72
N ALA B 108 14.09 -24.85 -7.55
CA ALA B 108 14.33 -26.10 -8.31
C ALA B 108 13.32 -27.14 -7.82
N ALA B 109 13.05 -27.16 -6.50
CA ALA B 109 12.10 -28.08 -5.86
C ALA B 109 10.73 -27.84 -6.48
N ALA B 110 10.38 -26.57 -6.68
CA ALA B 110 9.06 -26.13 -7.21
C ALA B 110 8.88 -26.65 -8.63
N LEU B 111 9.88 -26.40 -9.49
CA LEU B 111 9.78 -26.87 -10.90
C LEU B 111 9.81 -28.38 -10.91
N ARG B 112 10.62 -29.04 -10.08
CA ARG B 112 10.71 -30.52 -10.06
C ARG B 112 9.36 -31.10 -9.64
N GLU B 113 8.84 -30.66 -8.48
CA GLU B 113 7.56 -31.21 -7.93
C GLU B 113 6.44 -30.98 -8.94
N LEU B 114 6.39 -29.79 -9.54
CA LEU B 114 5.33 -29.48 -10.53
C LEU B 114 5.41 -30.49 -11.68
N GLU B 115 6.61 -30.77 -12.19
CA GLU B 115 6.69 -31.67 -13.35
C GLU B 115 6.31 -33.10 -12.95
N GLU B 116 6.76 -33.55 -11.79
CA GLU B 116 6.48 -34.93 -11.31
C GLU B 116 4.99 -35.12 -11.06
N GLU B 117 4.30 -34.13 -10.49
CA GLU B 117 2.91 -34.32 -10.04
C GLU B 117 1.93 -34.01 -11.18
N THR B 118 2.28 -33.12 -12.12
CA THR B 118 1.35 -32.61 -13.16
C THR B 118 1.86 -32.93 -14.59
N GLY B 119 3.18 -33.11 -14.75
CA GLY B 119 3.85 -33.18 -16.07
C GLY B 119 4.08 -31.81 -16.69
N TYR B 120 3.62 -30.71 -16.08
CA TYR B 120 3.83 -29.35 -16.65
C TYR B 120 5.22 -28.85 -16.29
N LYS B 121 5.77 -28.10 -17.24
CA LYS B 121 7.10 -27.45 -17.25
C LYS B 121 6.85 -25.95 -17.19
N GLY B 122 7.25 -25.33 -16.08
CA GLY B 122 6.83 -23.97 -15.71
C GLY B 122 8.00 -23.05 -15.53
N ASP B 123 7.72 -21.77 -15.41
CA ASP B 123 8.68 -20.67 -15.20
C ASP B 123 8.38 -20.04 -13.84
N ILE B 124 9.41 -19.79 -13.03
CA ILE B 124 9.30 -19.01 -11.76
C ILE B 124 8.80 -17.60 -12.04
N ALA B 125 7.70 -17.20 -11.40
CA ALA B 125 7.28 -15.78 -11.31
C ALA B 125 7.86 -15.17 -10.02
N GLU B 126 7.60 -15.80 -8.87
CA GLU B 126 8.06 -15.32 -7.54
C GLU B 126 8.11 -16.51 -6.56
N CYS B 127 8.78 -16.27 -5.44
CA CYS B 127 9.07 -17.28 -4.39
C CYS B 127 8.95 -16.57 -3.04
N SER B 128 8.08 -17.09 -2.18
CA SER B 128 7.85 -16.55 -0.83
C SER B 128 9.08 -16.83 0.03
N PRO B 129 9.27 -16.06 1.11
CA PRO B 129 10.06 -16.53 2.25
C PRO B 129 9.43 -17.78 2.90
N ALA B 130 10.14 -18.42 3.82
CA ALA B 130 9.58 -19.60 4.53
C ALA B 130 8.31 -19.15 5.25
N VAL B 131 7.21 -19.87 5.05
CA VAL B 131 5.90 -19.58 5.67
C VAL B 131 5.43 -20.80 6.46
N CYS B 132 4.80 -20.57 7.60
CA CYS B 132 4.50 -21.68 8.53
C CYS B 132 3.19 -22.37 8.14
N MET B 133 3.16 -23.69 8.21
CA MET B 133 1.96 -24.49 7.88
C MET B 133 0.91 -24.52 9.00
N ASP B 134 1.29 -24.69 10.27
CA ASP B 134 0.33 -24.87 11.37
C ASP B 134 1.07 -24.58 12.67
N PRO B 135 1.36 -23.30 12.94
CA PRO B 135 2.40 -22.93 13.90
C PRO B 135 1.98 -23.19 15.36
N GLY B 136 0.68 -23.34 15.66
CA GLY B 136 0.22 -23.82 16.97
C GLY B 136 0.49 -25.31 17.14
N LEU B 137 0.86 -26.01 16.07
CA LEU B 137 1.04 -27.49 16.18
C LEU B 137 2.49 -27.84 15.89
N SER B 138 3.02 -27.39 14.75
CA SER B 138 4.31 -27.87 14.20
C SER B 138 5.25 -26.71 13.89
N ASN B 139 6.50 -27.05 13.57
CA ASN B 139 7.49 -26.07 13.07
C ASN B 139 7.51 -26.09 11.54
N CYS B 140 6.58 -26.82 10.88
CA CYS B 140 6.65 -27.11 9.42
C CYS B 140 6.50 -25.83 8.61
N THR B 141 7.39 -25.68 7.64
CA THR B 141 7.43 -24.46 6.81
C THR B 141 7.53 -24.87 5.34
N ILE B 142 7.11 -23.95 4.48
CA ILE B 142 7.24 -24.12 3.01
C ILE B 142 7.62 -22.79 2.38
N HIS B 143 8.09 -22.87 1.13
CA HIS B 143 8.12 -21.73 0.20
C HIS B 143 6.94 -21.86 -0.75
N ILE B 144 6.08 -20.84 -0.85
CA ILE B 144 5.04 -20.77 -1.90
C ILE B 144 5.70 -20.20 -3.16
N VAL B 145 5.67 -20.97 -4.24
CA VAL B 145 6.36 -20.62 -5.50
C VAL B 145 5.29 -20.43 -6.57
N THR B 146 5.13 -19.17 -7.01
CA THR B 146 4.24 -18.83 -8.13
C THR B 146 5.05 -19.12 -9.38
N VAL B 147 4.44 -19.98 -10.19
CA VAL B 147 5.00 -20.51 -11.45
C VAL B 147 3.94 -20.29 -12.51
N THR B 148 4.35 -19.76 -13.67
CA THR B 148 3.48 -19.67 -14.87
C THR B 148 3.77 -20.86 -15.79
N ILE B 149 2.75 -21.40 -16.43
CA ILE B 149 2.89 -22.47 -17.45
C ILE B 149 2.37 -21.95 -18.80
N ASN B 150 3.27 -21.85 -19.77
CA ASN B 150 2.85 -21.57 -21.16
C ASN B 150 2.22 -22.85 -21.71
N GLY B 151 0.89 -23.00 -21.59
CA GLY B 151 0.16 -24.20 -22.05
C GLY B 151 0.14 -24.28 -23.58
N ASP B 152 0.67 -23.28 -24.27
CA ASP B 152 0.69 -23.25 -25.75
C ASP B 152 2.03 -23.80 -26.25
N ASP B 153 3.03 -23.98 -25.37
CA ASP B 153 4.35 -24.54 -25.79
C ASP B 153 4.18 -26.06 -25.96
N ALA B 154 4.96 -26.65 -26.88
CA ALA B 154 4.92 -28.07 -27.25
C ALA B 154 5.16 -28.94 -26.00
N GLU B 155 6.06 -28.53 -25.11
CA GLU B 155 6.48 -29.39 -23.97
C GLU B 155 5.30 -29.60 -23.00
N ASN B 156 4.24 -28.79 -23.10
CA ASN B 156 3.07 -28.79 -22.19
C ASN B 156 1.82 -29.21 -22.96
N ALA B 157 2.00 -29.78 -24.18
CA ALA B 157 0.87 -30.25 -25.01
C ALA B 157 0.21 -31.48 -24.37
N ARG B 158 0.95 -32.59 -24.27
CA ARG B 158 0.51 -33.82 -23.56
C ARG B 158 1.46 -34.01 -22.38
N PRO B 159 1.16 -33.39 -21.21
CA PRO B 159 2.16 -33.33 -20.13
C PRO B 159 2.35 -34.69 -19.42
N LYS B 160 3.61 -35.12 -19.25
CA LYS B 160 4.01 -36.44 -18.68
C LYS B 160 4.19 -36.33 -17.16
N PRO B 161 3.20 -36.73 -16.31
CA PRO B 161 3.40 -36.75 -14.85
C PRO B 161 4.32 -37.91 -14.41
N LYS B 162 5.39 -37.59 -13.65
CA LYS B 162 6.43 -38.55 -13.20
C LYS B 162 6.28 -38.86 -11.72
N PRO B 163 5.35 -39.76 -11.31
CA PRO B 163 5.25 -40.17 -9.91
C PRO B 163 6.58 -40.71 -9.38
N GLY B 164 6.98 -40.29 -8.16
CA GLY B 164 7.99 -41.02 -7.35
C GLY B 164 7.42 -42.35 -6.87
N ASP B 165 8.20 -43.09 -6.09
CA ASP B 165 7.75 -44.35 -5.43
C ASP B 165 6.54 -44.03 -4.55
N GLY B 166 5.35 -44.50 -4.95
CA GLY B 166 4.11 -44.46 -4.14
C GLY B 166 3.38 -43.12 -4.19
N GLU B 167 3.72 -42.23 -5.14
CA GLU B 167 2.91 -41.02 -5.45
C GLU B 167 1.79 -41.46 -6.40
N PHE B 168 0.54 -41.13 -6.07
CA PHE B 168 -0.65 -41.43 -6.91
C PHE B 168 -1.49 -40.15 -6.99
N VAL B 169 -1.36 -39.43 -8.11
CA VAL B 169 -1.80 -38.01 -8.21
C VAL B 169 -2.70 -37.81 -9.43
N GLU B 170 -3.89 -37.27 -9.18
CA GLU B 170 -4.85 -36.82 -10.22
C GLU B 170 -4.69 -35.30 -10.38
N VAL B 171 -4.68 -34.82 -11.61
CA VAL B 171 -4.48 -33.37 -11.90
C VAL B 171 -5.88 -32.76 -12.08
N ILE B 172 -6.12 -31.58 -11.49
CA ILE B 172 -7.41 -30.83 -11.60
C ILE B 172 -7.07 -29.34 -11.81
N SER B 173 -7.28 -28.90 -13.04
CA SER B 173 -7.11 -27.50 -13.50
C SER B 173 -8.44 -26.78 -13.42
N LEU B 174 -8.51 -25.70 -12.64
CA LEU B 174 -9.75 -24.94 -12.45
C LEU B 174 -9.53 -23.50 -12.87
N PRO B 175 -10.52 -22.87 -13.53
CA PRO B 175 -10.39 -21.48 -13.94
C PRO B 175 -10.09 -20.61 -12.71
N LYS B 176 -9.05 -19.78 -12.77
CA LYS B 176 -8.69 -18.85 -11.67
C LYS B 176 -9.85 -17.88 -11.39
N ASN B 177 -10.54 -17.40 -12.45
CA ASN B 177 -11.62 -16.38 -12.29
C ASN B 177 -12.86 -16.93 -11.56
N ASP B 178 -13.05 -18.24 -11.43
CA ASP B 178 -14.21 -18.84 -10.71
C ASP B 178 -13.74 -19.79 -9.60
N LEU B 179 -12.49 -19.70 -9.13
CA LEU B 179 -11.81 -20.80 -8.39
C LEU B 179 -12.62 -21.21 -7.15
N LEU B 180 -13.09 -20.28 -6.35
CA LEU B 180 -13.75 -20.64 -5.08
C LEU B 180 -15.09 -21.38 -5.33
N GLN B 181 -15.90 -20.94 -6.29
CA GLN B 181 -17.16 -21.63 -6.66
C GLN B 181 -16.82 -23.01 -7.25
N ARG B 182 -15.78 -23.14 -8.07
CA ARG B 182 -15.41 -24.49 -8.58
C ARG B 182 -15.00 -25.44 -7.44
N LEU B 183 -14.28 -24.93 -6.43
CA LEU B 183 -13.79 -25.79 -5.34
C LEU B 183 -15.01 -26.20 -4.50
N ASP B 184 -15.83 -25.23 -4.13
CA ASP B 184 -17.08 -25.44 -3.35
C ASP B 184 -17.90 -26.55 -4.02
N ALA B 185 -18.08 -26.46 -5.34
CA ALA B 185 -18.79 -27.50 -6.12
C ALA B 185 -18.14 -28.87 -5.93
N LEU B 186 -16.79 -28.94 -5.95
CA LEU B 186 -16.10 -30.26 -5.89
C LEU B 186 -16.35 -30.90 -4.52
N VAL B 187 -16.23 -30.11 -3.44
CA VAL B 187 -16.52 -30.53 -2.04
C VAL B 187 -17.95 -31.08 -1.95
N ALA B 188 -18.93 -30.41 -2.56
CA ALA B 188 -20.36 -30.78 -2.48
C ALA B 188 -20.62 -32.12 -3.18
N GLU B 189 -19.97 -32.38 -4.30
CA GLU B 189 -20.28 -33.56 -5.16
C GLU B 189 -19.30 -34.70 -4.88
N GLU B 190 -18.01 -34.40 -4.73
CA GLU B 190 -16.89 -35.40 -4.77
C GLU B 190 -16.45 -35.79 -3.35
N HIS B 191 -17.09 -35.26 -2.30
CA HIS B 191 -16.75 -35.48 -0.86
C HIS B 191 -15.22 -35.52 -0.66
N LEU B 192 -14.55 -34.44 -1.07
CA LEU B 192 -13.09 -34.16 -0.98
C LEU B 192 -12.83 -33.10 0.12
N THR B 193 -11.62 -33.03 0.68
CA THR B 193 -11.17 -31.86 1.47
C THR B 193 -10.24 -30.97 0.65
N VAL B 194 -10.55 -29.67 0.62
CA VAL B 194 -9.72 -28.64 -0.01
C VAL B 194 -8.68 -28.20 1.02
N ASP B 195 -7.46 -28.09 0.55
CA ASP B 195 -6.34 -27.56 1.33
C ASP B 195 -6.58 -26.12 1.75
N ALA B 196 -6.14 -25.72 2.96
CA ALA B 196 -6.47 -24.39 3.49
C ALA B 196 -5.76 -23.31 2.68
N ARG B 197 -4.57 -23.60 2.13
CA ARG B 197 -3.86 -22.58 1.34
C ARG B 197 -4.58 -22.38 0.02
N VAL B 198 -5.02 -23.46 -0.63
CA VAL B 198 -5.85 -23.38 -1.87
C VAL B 198 -7.10 -22.55 -1.55
N TYR B 199 -7.74 -22.79 -0.40
CA TYR B 199 -9.01 -22.12 -0.08
C TYR B 199 -8.78 -20.62 0.17
N SER B 200 -7.69 -20.33 0.84
CA SER B 200 -7.29 -18.97 1.24
C SER B 200 -7.03 -18.15 -0.02
N TYR B 201 -6.28 -18.71 -0.96
CA TYR B 201 -5.96 -18.08 -2.27
C TYR B 201 -7.29 -17.80 -2.99
N ALA B 202 -8.16 -18.81 -3.06
CA ALA B 202 -9.47 -18.78 -3.77
C ALA B 202 -10.36 -17.69 -3.16
N LEU B 203 -10.38 -17.56 -1.83
CA LEU B 203 -11.15 -16.50 -1.14
C LEU B 203 -10.64 -15.12 -1.56
N ALA B 204 -9.33 -14.90 -1.43
CA ALA B 204 -8.68 -13.63 -1.82
C ALA B 204 -8.97 -13.27 -3.28
N LEU B 205 -9.00 -14.22 -4.22
CA LEU B 205 -9.37 -13.91 -5.63
C LEU B 205 -10.78 -13.28 -5.65
N LYS B 206 -11.71 -13.75 -4.81
CA LYS B 206 -13.08 -13.17 -4.71
C LYS B 206 -13.04 -11.83 -3.97
N HIS B 207 -12.37 -11.74 -2.82
CA HIS B 207 -12.34 -10.53 -1.95
C HIS B 207 -11.56 -9.36 -2.58
N ALA B 208 -10.74 -9.61 -3.61
CA ALA B 208 -9.95 -8.58 -4.33
C ALA B 208 -10.90 -7.49 -4.86
N ASN B 209 -12.08 -7.90 -5.35
CA ASN B 209 -13.19 -7.01 -5.82
C ASN B 209 -13.77 -6.21 -4.64
N GLN C 16 -19.03 14.46 3.67
CA GLN C 16 -19.22 15.28 2.43
C GLN C 16 -19.01 14.39 1.20
N TYR C 17 -19.69 14.67 0.08
CA TYR C 17 -19.57 13.83 -1.15
C TYR C 17 -20.04 14.59 -2.38
N ILE C 18 -19.57 14.18 -3.54
CA ILE C 18 -19.92 14.75 -4.88
C ILE C 18 -21.31 14.25 -5.26
N ILE C 19 -22.23 15.17 -5.57
CA ILE C 19 -23.58 14.85 -6.10
C ILE C 19 -23.48 14.80 -7.63
N SER C 20 -22.93 15.82 -8.27
CA SER C 20 -22.95 15.98 -9.74
C SER C 20 -21.88 16.98 -10.20
N GLU C 21 -21.16 16.61 -11.26
CA GLU C 21 -20.19 17.46 -11.99
C GLU C 21 -20.84 17.91 -13.31
N GLU C 22 -21.24 19.20 -13.39
CA GLU C 22 -21.94 19.81 -14.54
C GLU C 22 -20.91 20.57 -15.40
N LEU C 23 -20.72 20.09 -16.64
CA LEU C 23 -19.76 20.61 -17.65
C LEU C 23 -20.16 22.03 -18.07
N ILE C 24 -19.22 23.00 -18.05
CA ILE C 24 -19.43 24.45 -18.41
C ILE C 24 -18.78 24.75 -19.76
N SER C 25 -17.51 24.39 -19.96
CA SER C 25 -16.71 24.66 -21.18
C SER C 25 -15.54 23.67 -21.29
N GLU C 26 -15.38 23.03 -22.45
CA GLU C 26 -14.38 21.95 -22.68
C GLU C 26 -13.50 22.32 -23.88
N GLY C 27 -12.30 22.87 -23.62
CA GLY C 27 -11.25 23.11 -24.62
C GLY C 27 -10.49 21.82 -24.92
N LYS C 28 -9.34 21.89 -25.58
CA LYS C 28 -8.50 20.72 -25.97
C LYS C 28 -7.61 20.20 -24.81
N TRP C 29 -7.22 21.07 -23.88
CA TRP C 29 -6.26 20.75 -22.79
C TRP C 29 -6.90 20.82 -21.41
N VAL C 30 -7.87 21.72 -21.19
CA VAL C 30 -8.51 21.94 -19.86
C VAL C 30 -10.03 22.07 -20.00
N LYS C 31 -10.79 21.83 -18.93
CA LYS C 31 -12.26 22.05 -18.90
C LYS C 31 -12.70 22.69 -17.59
N LEU C 32 -13.81 23.43 -17.61
CA LEU C 32 -14.47 24.03 -16.43
C LEU C 32 -15.71 23.20 -16.07
N GLU C 33 -16.10 23.17 -14.80
CA GLU C 33 -17.27 22.39 -14.32
C GLU C 33 -17.97 23.08 -13.15
N LYS C 34 -19.30 23.02 -13.15
CA LYS C 34 -20.14 23.28 -11.95
C LYS C 34 -20.15 21.97 -11.16
N THR C 35 -19.66 22.00 -9.92
CA THR C 35 -19.62 20.82 -9.01
C THR C 35 -20.69 21.06 -7.94
N THR C 36 -21.53 20.06 -7.68
CA THR C 36 -22.57 20.12 -6.62
C THR C 36 -22.23 19.04 -5.58
N TYR C 37 -22.27 19.40 -4.31
CA TYR C 37 -21.63 18.64 -3.20
C TYR C 37 -22.49 18.81 -1.95
N MET C 38 -22.58 17.75 -1.13
CA MET C 38 -23.26 17.73 0.18
C MET C 38 -22.28 18.18 1.26
N ASP C 39 -22.63 19.23 2.01
CA ASP C 39 -21.82 19.75 3.15
C ASP C 39 -22.07 18.83 4.34
N PRO C 40 -21.25 18.93 5.41
CA PRO C 40 -21.34 18.00 6.54
C PRO C 40 -22.53 18.26 7.47
N THR C 41 -23.22 19.40 7.33
CA THR C 41 -24.50 19.72 8.04
C THR C 41 -25.69 19.23 7.19
N GLY C 42 -25.45 18.82 5.94
CA GLY C 42 -26.45 18.18 5.05
C GLY C 42 -27.02 19.13 4.02
N LYS C 43 -26.55 20.38 3.98
CA LYS C 43 -26.93 21.38 2.93
C LYS C 43 -26.16 21.12 1.63
N THR C 44 -26.90 20.98 0.52
CA THR C 44 -26.37 20.97 -0.87
C THR C 44 -25.66 22.31 -1.14
N ARG C 45 -24.46 22.32 -1.74
CA ARG C 45 -23.73 23.54 -2.16
C ARG C 45 -23.06 23.28 -3.52
N THR C 46 -22.41 24.29 -4.08
CA THR C 46 -21.88 24.31 -5.45
C THR C 46 -20.48 24.96 -5.49
N TRP C 47 -19.70 24.63 -6.51
CA TRP C 47 -18.25 24.99 -6.66
C TRP C 47 -17.90 25.04 -8.15
N GLU C 48 -17.03 25.96 -8.57
CA GLU C 48 -16.47 25.97 -9.95
C GLU C 48 -15.10 25.26 -9.95
N SER C 49 -15.03 24.13 -10.66
CA SER C 49 -13.90 23.18 -10.66
C SER C 49 -13.22 23.12 -12.03
N VAL C 50 -11.90 23.02 -12.04
CA VAL C 50 -11.07 22.82 -13.26
C VAL C 50 -10.51 21.40 -13.26
N LYS C 51 -10.48 20.78 -14.45
CA LYS C 51 -9.93 19.44 -14.74
C LYS C 51 -9.22 19.50 -16.11
N ARG C 52 -8.06 18.86 -16.25
CA ARG C 52 -7.38 18.67 -17.56
C ARG C 52 -8.11 17.55 -18.29
N THR C 53 -7.92 17.44 -19.60
CA THR C 53 -8.65 16.49 -20.49
C THR C 53 -7.68 15.50 -21.15
N THR C 54 -6.44 15.43 -20.67
CA THR C 54 -5.32 14.68 -21.30
C THR C 54 -5.10 13.37 -20.52
N ARG C 55 -5.86 13.15 -19.45
CA ARG C 55 -5.66 12.10 -18.41
C ARG C 55 -6.14 10.75 -18.98
N LYS C 56 -6.13 9.70 -18.14
CA LYS C 56 -6.55 8.32 -18.55
C LYS C 56 -6.71 7.47 -17.28
N GLU C 57 -5.93 6.38 -17.15
CA GLU C 57 -5.83 5.54 -15.92
C GLU C 57 -4.66 6.06 -15.07
N GLN C 58 -3.64 6.63 -15.73
CA GLN C 58 -2.50 7.39 -15.16
C GLN C 58 -2.77 7.71 -13.68
N THR C 59 -1.79 7.43 -12.81
CA THR C 59 -1.84 7.66 -11.33
C THR C 59 -2.00 9.16 -11.03
N ALA C 60 -1.64 10.01 -11.99
CA ALA C 60 -1.69 11.49 -11.85
C ALA C 60 -1.56 12.12 -13.23
N ASP C 61 -1.90 13.40 -13.34
CA ASP C 61 -1.71 14.14 -14.61
C ASP C 61 -0.21 14.19 -14.92
N GLY C 62 0.63 14.50 -13.91
CA GLY C 62 2.03 14.77 -14.28
C GLY C 62 3.04 14.33 -13.25
N VAL C 63 4.31 14.62 -13.52
CA VAL C 63 5.41 14.45 -12.54
C VAL C 63 6.17 15.78 -12.39
N ALA C 64 6.65 16.06 -11.19
CA ALA C 64 7.62 17.14 -10.91
C ALA C 64 8.86 16.43 -10.35
N VAL C 65 10.03 16.78 -10.84
CA VAL C 65 11.27 16.02 -10.55
C VAL C 65 12.09 16.96 -9.70
N ILE C 66 12.49 16.50 -8.50
CA ILE C 66 13.47 17.13 -7.62
C ILE C 66 14.84 16.53 -7.94
N PRO C 67 15.63 17.22 -8.81
CA PRO C 67 16.83 16.65 -9.38
C PRO C 67 18.04 17.13 -8.58
N VAL C 68 18.56 16.21 -7.78
CA VAL C 68 19.69 16.49 -6.89
C VAL C 68 20.96 16.12 -7.63
N LEU C 69 21.65 17.18 -8.03
CA LEU C 69 22.99 17.11 -8.65
C LEU C 69 24.06 16.92 -7.57
N GLN C 70 24.68 15.75 -7.61
CA GLN C 70 25.63 15.20 -6.63
C GLN C 70 27.00 15.12 -7.30
N ARG C 71 28.00 15.66 -6.62
CA ARG C 71 29.40 15.71 -7.14
C ARG C 71 30.35 15.51 -5.97
N THR C 72 31.43 14.77 -6.19
CA THR C 72 32.47 14.39 -5.21
C THR C 72 32.94 15.63 -4.46
N LEU C 73 33.13 16.72 -5.21
CA LEU C 73 33.92 17.88 -4.75
C LEU C 73 33.02 18.98 -4.18
N HIS C 74 31.69 18.85 -4.32
CA HIS C 74 30.76 19.99 -4.20
C HIS C 74 29.58 19.66 -3.27
N TYR C 75 29.00 20.71 -2.72
CA TYR C 75 27.64 20.65 -2.15
C TYR C 75 26.67 20.26 -3.26
N GLU C 76 25.61 19.60 -2.85
CA GLU C 76 24.49 19.27 -3.75
C GLU C 76 23.90 20.58 -4.29
N CYS C 77 23.48 20.48 -5.54
CA CYS C 77 22.68 21.48 -6.24
C CYS C 77 21.31 20.93 -6.50
N ILE C 78 20.34 21.83 -6.61
CA ILE C 78 18.98 21.51 -7.09
C ILE C 78 18.87 22.12 -8.49
N VAL C 79 18.50 21.30 -9.47
CA VAL C 79 18.42 21.64 -10.93
C VAL C 79 16.99 22.07 -11.19
N LEU C 80 16.83 23.32 -11.60
CA LEU C 80 15.52 23.95 -11.88
C LEU C 80 15.54 24.34 -13.36
N VAL C 81 14.36 24.69 -13.87
CA VAL C 81 14.16 25.17 -15.27
C VAL C 81 13.40 26.49 -15.22
N LYS C 82 13.80 27.38 -16.11
CA LYS C 82 13.15 28.67 -16.37
C LYS C 82 12.51 28.55 -17.75
N GLN C 83 11.23 28.83 -17.82
CA GLN C 83 10.53 28.84 -19.11
C GLN C 83 9.45 29.91 -19.09
N PHE C 84 9.10 30.39 -20.28
CA PHE C 84 7.93 31.25 -20.46
C PHE C 84 6.70 30.38 -20.24
N ARG C 85 5.80 30.84 -19.39
CA ARG C 85 4.51 30.20 -19.07
C ARG C 85 3.39 31.15 -19.48
N PRO C 86 2.69 30.84 -20.59
CA PRO C 86 1.61 31.71 -21.10
C PRO C 86 0.54 32.09 -20.08
N PRO C 87 0.05 31.16 -19.22
CA PRO C 87 -1.01 31.51 -18.29
C PRO C 87 -0.54 32.60 -17.32
N MET C 88 0.77 32.66 -17.05
CA MET C 88 1.41 33.60 -16.09
C MET C 88 1.85 34.90 -16.80
N GLY C 89 1.96 34.86 -18.12
CA GLY C 89 2.39 35.99 -18.95
C GLY C 89 3.86 36.29 -18.79
N GLY C 90 4.65 35.31 -18.36
CA GLY C 90 6.04 35.58 -18.01
C GLY C 90 6.80 34.31 -17.66
N TYR C 91 8.03 34.50 -17.20
CA TYR C 91 9.00 33.41 -16.95
C TYR C 91 8.79 32.90 -15.55
N CYS C 92 8.90 31.57 -15.43
CA CYS C 92 8.73 30.87 -14.13
C CYS C 92 9.93 29.97 -13.89
N ILE C 93 10.29 29.84 -12.60
CA ILE C 93 11.34 28.92 -12.16
C ILE C 93 10.64 27.71 -11.53
N GLU C 94 10.93 26.53 -12.02
CA GLU C 94 10.19 25.31 -11.61
C GLU C 94 11.12 24.11 -11.50
N PHE C 95 10.62 23.05 -10.86
CA PHE C 95 11.20 21.71 -11.02
C PHE C 95 10.92 21.29 -12.46
N PRO C 96 11.87 20.61 -13.12
CA PRO C 96 11.58 19.98 -14.39
C PRO C 96 10.30 19.15 -14.19
N ALA C 97 9.42 19.17 -15.18
CA ALA C 97 8.07 18.60 -15.03
C ALA C 97 7.44 18.34 -16.39
N GLY C 98 6.52 17.37 -16.45
CA GLY C 98 5.74 17.12 -17.68
C GLY C 98 4.61 16.17 -17.41
N LEU C 99 3.70 16.05 -18.36
CA LEU C 99 2.52 15.15 -18.27
C LEU C 99 3.00 13.72 -18.47
N ILE C 100 2.46 12.79 -17.70
CA ILE C 100 2.79 11.35 -17.85
C ILE C 100 2.15 10.85 -19.16
N ASP C 101 2.96 10.38 -20.12
CA ASP C 101 2.47 9.74 -21.36
C ASP C 101 1.63 8.53 -20.95
N ASP C 102 0.77 8.07 -21.85
CA ASP C 102 -0.08 6.86 -21.66
C ASP C 102 0.82 5.61 -21.72
N GLY C 103 0.62 4.66 -20.81
CA GLY C 103 1.44 3.44 -20.71
C GLY C 103 2.74 3.66 -19.93
N GLU C 104 3.08 4.92 -19.61
CA GLU C 104 4.34 5.34 -18.94
C GLU C 104 4.13 5.30 -17.43
N THR C 105 5.09 4.76 -16.70
CA THR C 105 5.17 4.87 -15.22
C THR C 105 5.59 6.30 -14.86
N PRO C 106 5.22 6.84 -13.67
CA PRO C 106 5.69 8.15 -13.23
C PRO C 106 7.22 8.19 -13.16
N GLU C 107 7.85 7.08 -12.74
CA GLU C 107 9.33 7.03 -12.68
C GLU C 107 9.94 7.21 -14.08
N ALA C 108 9.38 6.59 -15.12
CA ALA C 108 9.90 6.69 -16.50
C ALA C 108 9.71 8.14 -16.97
N ALA C 109 8.51 8.68 -16.75
CA ALA C 109 8.13 10.07 -17.04
C ALA C 109 9.19 11.00 -16.43
N ALA C 110 9.58 10.73 -15.19
CA ALA C 110 10.53 11.57 -14.43
C ALA C 110 11.87 11.61 -15.17
N LEU C 111 12.41 10.46 -15.55
CA LEU C 111 13.80 10.39 -16.09
C LEU C 111 13.75 10.95 -17.52
N ARG C 112 12.66 10.66 -18.27
CA ARG C 112 12.43 11.25 -19.61
C ARG C 112 12.30 12.77 -19.53
N GLU C 113 11.46 13.30 -18.64
CA GLU C 113 11.24 14.76 -18.60
C GLU C 113 12.53 15.43 -18.11
N LEU C 114 13.23 14.78 -17.15
CA LEU C 114 14.50 15.35 -16.64
C LEU C 114 15.52 15.44 -17.79
N GLU C 115 15.68 14.36 -18.55
CA GLU C 115 16.69 14.36 -19.62
C GLU C 115 16.32 15.40 -20.70
N GLU C 116 15.05 15.42 -21.12
CA GLU C 116 14.51 16.35 -22.15
C GLU C 116 14.84 17.81 -21.83
N GLU C 117 14.57 18.24 -20.58
CA GLU C 117 14.44 19.66 -20.17
C GLU C 117 15.81 20.15 -19.66
N THR C 118 16.68 19.26 -19.20
CA THR C 118 17.98 19.63 -18.56
C THR C 118 19.17 18.98 -19.27
N GLY C 119 18.97 17.83 -19.95
CA GLY C 119 20.07 17.02 -20.50
C GLY C 119 20.67 16.06 -19.50
N TYR C 120 20.31 16.13 -18.21
CA TYR C 120 20.88 15.20 -17.20
C TYR C 120 20.28 13.80 -17.27
N LYS C 121 21.12 12.78 -17.14
CA LYS C 121 20.65 11.39 -16.92
C LYS C 121 20.74 11.07 -15.41
N GLY C 122 19.59 10.82 -14.82
CA GLY C 122 19.41 10.63 -13.36
C GLY C 122 19.01 9.23 -13.00
N ASP C 123 18.95 9.01 -11.71
CA ASP C 123 18.58 7.73 -11.06
C ASP C 123 17.41 8.03 -10.11
N ILE C 124 16.34 7.24 -10.18
CA ILE C 124 15.21 7.42 -9.23
C ILE C 124 15.72 7.21 -7.80
N ALA C 125 15.44 8.14 -6.87
CA ALA C 125 15.60 7.90 -5.42
C ALA C 125 14.25 7.51 -4.79
N GLU C 126 13.19 8.24 -5.11
CA GLU C 126 11.89 8.13 -4.39
C GLU C 126 10.76 8.63 -5.31
N CYS C 127 9.53 8.18 -5.07
CA CYS C 127 8.36 8.66 -5.84
C CYS C 127 7.22 8.88 -4.84
N SER C 128 6.72 10.11 -4.76
CA SER C 128 5.55 10.49 -3.92
C SER C 128 4.31 9.76 -4.42
N PRO C 129 3.26 9.68 -3.58
CA PRO C 129 1.92 9.38 -4.08
C PRO C 129 1.41 10.59 -4.88
N ALA C 130 0.27 10.43 -5.56
CA ALA C 130 -0.42 11.55 -6.25
C ALA C 130 -0.80 12.61 -5.22
N VAL C 131 -0.24 13.83 -5.39
CA VAL C 131 -0.42 15.02 -4.52
C VAL C 131 -1.06 16.13 -5.37
N CYS C 132 -2.05 16.82 -4.78
CA CYS C 132 -2.87 17.84 -5.44
C CYS C 132 -2.05 19.14 -5.61
N MET C 133 -2.26 19.83 -6.71
CA MET C 133 -1.57 21.09 -7.12
C MET C 133 -2.30 22.34 -6.59
N ASP C 134 -3.63 22.37 -6.70
CA ASP C 134 -4.42 23.53 -6.24
C ASP C 134 -5.83 23.02 -5.96
N PRO C 135 -6.05 22.36 -4.79
CA PRO C 135 -7.25 21.55 -4.57
C PRO C 135 -8.53 22.38 -4.38
N GLY C 136 -8.42 23.69 -4.09
CA GLY C 136 -9.56 24.65 -4.10
C GLY C 136 -10.04 24.99 -5.52
N LEU C 137 -9.31 24.59 -6.55
CA LEU C 137 -9.53 25.08 -7.93
C LEU C 137 -9.58 23.91 -8.91
N SER C 138 -8.62 23.00 -8.86
CA SER C 138 -8.51 21.91 -9.86
C SER C 138 -8.36 20.61 -9.10
N ASN C 139 -8.55 19.51 -9.81
CA ASN C 139 -8.24 18.13 -9.35
C ASN C 139 -6.86 17.72 -9.87
N CYS C 140 -6.05 18.67 -10.32
CA CYS C 140 -4.71 18.38 -10.90
C CYS C 140 -3.79 17.72 -9.87
N THR C 141 -3.10 16.65 -10.27
CA THR C 141 -2.23 15.83 -9.39
C THR C 141 -0.88 15.62 -10.06
N ILE C 142 0.14 15.47 -9.25
CA ILE C 142 1.46 15.01 -9.73
C ILE C 142 2.00 13.94 -8.80
N HIS C 143 2.98 13.17 -9.28
CA HIS C 143 4.01 12.55 -8.41
C HIS C 143 5.22 13.48 -8.39
N ILE C 144 5.68 13.78 -7.18
CA ILE C 144 7.00 14.41 -6.90
C ILE C 144 8.01 13.27 -6.84
N VAL C 145 8.90 13.22 -7.84
CA VAL C 145 9.90 12.14 -8.00
C VAL C 145 11.27 12.77 -7.67
N THR C 146 11.90 12.32 -6.59
CA THR C 146 13.29 12.67 -6.25
C THR C 146 14.20 11.88 -7.18
N VAL C 147 15.10 12.56 -7.87
CA VAL C 147 16.08 11.89 -8.79
C VAL C 147 17.47 12.41 -8.47
N THR C 148 18.44 11.54 -8.25
CA THR C 148 19.87 11.89 -8.05
C THR C 148 20.52 11.93 -9.44
N ILE C 149 21.39 12.90 -9.66
CA ILE C 149 22.21 12.93 -10.89
C ILE C 149 23.68 12.81 -10.46
N ASN C 150 24.44 11.82 -10.94
CA ASN C 150 25.90 11.73 -10.70
C ASN C 150 26.54 12.75 -11.64
N GLY C 151 26.80 13.94 -11.11
CA GLY C 151 27.45 15.08 -11.81
C GLY C 151 28.87 14.79 -12.24
N ASP C 152 29.50 13.75 -11.71
CA ASP C 152 30.92 13.39 -12.01
C ASP C 152 31.00 12.31 -13.09
N ASP C 153 29.90 11.68 -13.47
CA ASP C 153 29.90 10.70 -14.57
C ASP C 153 30.12 11.48 -15.87
N ALA C 154 31.07 11.03 -16.68
CA ALA C 154 31.34 11.55 -18.04
C ALA C 154 30.01 11.75 -18.79
N GLU C 155 29.03 10.87 -18.60
CA GLU C 155 27.73 10.94 -19.35
C GLU C 155 26.98 12.22 -19.00
N ASN C 156 27.18 12.78 -17.80
CA ASN C 156 26.57 14.07 -17.40
C ASN C 156 27.53 15.25 -17.59
N ALA C 157 28.72 15.06 -18.19
CA ALA C 157 29.74 16.14 -18.32
C ALA C 157 29.18 17.36 -19.06
N ARG C 158 28.54 17.16 -20.19
CA ARG C 158 28.10 18.27 -21.07
C ARG C 158 26.61 18.10 -21.30
N PRO C 159 25.75 18.27 -20.28
CA PRO C 159 24.32 18.02 -20.45
C PRO C 159 23.73 19.01 -21.46
N LYS C 160 22.92 18.52 -22.40
CA LYS C 160 22.22 19.34 -23.41
C LYS C 160 20.75 18.95 -23.41
N PRO C 161 19.85 19.85 -22.98
CA PRO C 161 18.42 19.61 -23.17
C PRO C 161 18.17 19.17 -24.62
N LYS C 162 17.32 18.18 -24.80
CA LYS C 162 16.71 17.81 -26.10
C LYS C 162 15.22 18.09 -25.99
N PRO C 163 14.81 19.38 -26.09
CA PRO C 163 13.39 19.75 -25.92
C PRO C 163 12.59 19.55 -27.20
N GLY C 164 11.36 19.05 -27.06
CA GLY C 164 10.41 18.89 -28.18
C GLY C 164 10.00 20.24 -28.73
N ASP C 165 10.02 20.39 -30.05
CA ASP C 165 9.50 21.58 -30.77
C ASP C 165 8.40 22.24 -29.93
N GLY C 166 8.49 23.56 -29.71
CA GLY C 166 7.54 24.31 -28.87
C GLY C 166 8.02 24.45 -27.43
N GLU C 167 9.03 23.66 -27.02
CA GLU C 167 9.63 23.71 -25.66
C GLU C 167 10.92 24.54 -25.69
N PHE C 168 11.00 25.55 -24.81
CA PHE C 168 12.15 26.50 -24.71
C PHE C 168 12.49 26.61 -23.23
N VAL C 169 13.60 26.00 -22.83
CA VAL C 169 13.90 25.80 -21.39
C VAL C 169 15.34 26.18 -21.11
N GLU C 170 15.51 26.94 -20.03
CA GLU C 170 16.84 27.34 -19.55
C GLU C 170 17.04 26.65 -18.21
N VAL C 171 18.22 26.09 -18.00
CA VAL C 171 18.55 25.30 -16.78
C VAL C 171 19.31 26.21 -15.83
N ILE C 172 18.88 26.23 -14.56
CA ILE C 172 19.55 26.92 -13.42
C ILE C 172 19.76 25.87 -12.33
N SER C 173 21.01 25.59 -11.98
CA SER C 173 21.41 24.71 -10.85
C SER C 173 21.80 25.58 -9.67
N LEU C 174 21.03 25.48 -8.58
CA LEU C 174 21.30 26.26 -7.34
C LEU C 174 21.66 25.31 -6.21
N PRO C 175 22.56 25.74 -5.31
CA PRO C 175 23.02 24.91 -4.19
C PRO C 175 21.92 24.68 -3.17
N LYS C 176 21.75 23.41 -2.78
CA LYS C 176 20.64 22.96 -1.92
C LYS C 176 20.76 23.68 -0.57
N ASN C 177 22.00 23.86 -0.09
CA ASN C 177 22.28 24.48 1.23
C ASN C 177 22.12 26.01 1.18
N ASP C 178 21.72 26.60 0.06
CA ASP C 178 21.42 28.06 0.00
C ASP C 178 20.25 28.36 -0.96
N LEU C 179 19.24 27.47 -1.04
CA LEU C 179 18.26 27.52 -2.16
C LEU C 179 17.41 28.79 -2.06
N LEU C 180 16.84 29.09 -0.89
CA LEU C 180 15.91 30.22 -0.68
C LEU C 180 16.59 31.56 -1.02
N GLN C 181 17.78 31.83 -0.46
CA GLN C 181 18.57 33.08 -0.71
C GLN C 181 18.86 33.19 -2.21
N ARG C 182 19.27 32.11 -2.85
CA ARG C 182 19.60 32.12 -4.30
C ARG C 182 18.36 32.30 -5.17
N LEU C 183 17.19 31.76 -4.80
CA LEU C 183 15.91 32.05 -5.47
C LEU C 183 15.53 33.54 -5.29
N ASP C 184 15.63 34.05 -4.07
CA ASP C 184 15.37 35.46 -3.70
C ASP C 184 16.23 36.38 -4.59
N ALA C 185 17.49 36.00 -4.82
CA ALA C 185 18.47 36.79 -5.62
C ALA C 185 18.15 36.75 -7.12
N LEU C 186 17.45 35.72 -7.61
CA LEU C 186 17.02 35.67 -9.04
C LEU C 186 15.77 36.50 -9.24
N VAL C 187 14.87 36.50 -8.25
CA VAL C 187 13.57 37.23 -8.29
C VAL C 187 13.89 38.73 -8.26
N ALA C 188 15.05 39.10 -7.72
CA ALA C 188 15.50 40.50 -7.55
C ALA C 188 16.12 41.02 -8.84
N GLU C 189 16.84 40.18 -9.59
CA GLU C 189 17.55 40.60 -10.83
C GLU C 189 16.56 40.79 -12.01
N GLU C 190 15.48 39.99 -12.07
CA GLU C 190 14.57 39.92 -13.26
C GLU C 190 13.14 39.68 -12.77
N HIS C 191 12.11 40.05 -13.55
CA HIS C 191 10.73 39.66 -13.17
C HIS C 191 10.48 38.23 -13.64
N LEU C 192 10.55 37.34 -12.65
CA LEU C 192 10.27 35.90 -12.78
C LEU C 192 9.54 35.49 -11.51
N THR C 193 8.77 34.40 -11.63
CA THR C 193 7.91 33.87 -10.55
C THR C 193 8.51 32.53 -10.13
N VAL C 194 8.80 32.33 -8.85
CA VAL C 194 9.20 30.99 -8.33
C VAL C 194 7.94 30.13 -8.17
N ASP C 195 8.00 28.89 -8.59
CA ASP C 195 6.91 27.90 -8.40
C ASP C 195 6.66 27.65 -6.90
N ALA C 196 5.41 27.51 -6.46
CA ALA C 196 5.07 27.33 -5.02
C ALA C 196 5.68 26.04 -4.46
N ARG C 197 5.84 24.98 -5.26
CA ARG C 197 6.47 23.73 -4.71
C ARG C 197 7.97 23.92 -4.54
N VAL C 198 8.64 24.57 -5.48
CA VAL C 198 10.08 24.90 -5.33
C VAL C 198 10.27 25.75 -4.05
N TYR C 199 9.46 26.76 -3.84
CA TYR C 199 9.61 27.71 -2.71
C TYR C 199 9.38 27.02 -1.34
N SER C 200 8.41 26.16 -1.26
CA SER C 200 8.06 25.30 -0.09
C SER C 200 9.24 24.41 0.24
N TYR C 201 9.80 23.78 -0.80
CA TYR C 201 11.00 22.93 -0.68
C TYR C 201 12.13 23.79 -0.10
N ALA C 202 12.36 24.98 -0.68
CA ALA C 202 13.47 25.86 -0.23
C ALA C 202 13.22 26.31 1.23
N LEU C 203 11.97 26.56 1.59
CA LEU C 203 11.63 27.04 2.96
C LEU C 203 12.00 25.94 3.97
N ALA C 204 11.56 24.72 3.71
CA ALA C 204 11.84 23.55 4.58
C ALA C 204 13.35 23.30 4.63
N LEU C 205 14.11 23.45 3.54
CA LEU C 205 15.59 23.27 3.64
C LEU C 205 16.09 24.26 4.70
N LYS C 206 15.62 25.50 4.68
CA LYS C 206 16.07 26.58 5.62
C LYS C 206 15.62 26.24 7.05
N HIS C 207 14.37 25.86 7.23
CA HIS C 207 13.75 25.58 8.56
C HIS C 207 14.24 24.26 9.16
N ALA C 208 14.60 23.28 8.33
CA ALA C 208 15.16 22.00 8.81
C ALA C 208 16.29 22.30 9.81
N LYS D 15 12.26 38.29 -24.55
CA LYS D 15 12.40 37.27 -25.64
C LYS D 15 10.99 36.85 -26.09
N GLN D 16 10.17 36.22 -25.22
CA GLN D 16 8.77 35.81 -25.52
C GLN D 16 7.78 36.80 -24.90
N TYR D 17 6.56 36.87 -25.45
CA TYR D 17 5.51 37.80 -24.95
C TYR D 17 4.13 37.28 -25.31
N ILE D 18 3.15 37.74 -24.53
CA ILE D 18 1.70 37.61 -24.82
C ILE D 18 1.39 38.54 -25.99
N ILE D 19 0.64 38.03 -26.97
CA ILE D 19 0.10 38.81 -28.12
C ILE D 19 -1.34 39.17 -27.76
N SER D 20 -2.16 38.18 -27.38
CA SER D 20 -3.61 38.36 -27.10
C SER D 20 -4.15 37.36 -26.08
N GLU D 21 -5.15 37.77 -25.32
CA GLU D 21 -5.92 36.95 -24.35
C GLU D 21 -7.40 36.98 -24.75
N GLU D 22 -7.89 35.89 -25.33
CA GLU D 22 -9.30 35.77 -25.76
C GLU D 22 -10.07 35.09 -24.62
N LEU D 23 -11.08 35.76 -24.07
CA LEU D 23 -12.00 35.15 -23.06
C LEU D 23 -12.78 34.03 -23.74
N ILE D 24 -12.84 32.83 -23.13
CA ILE D 24 -13.54 31.65 -23.70
C ILE D 24 -14.78 31.32 -22.85
N SER D 25 -14.71 31.50 -21.53
CA SER D 25 -15.85 31.28 -20.60
C SER D 25 -15.49 31.77 -19.19
N GLU D 26 -16.43 32.42 -18.51
CA GLU D 26 -16.23 33.21 -17.26
C GLU D 26 -17.38 32.94 -16.27
N GLY D 27 -17.10 32.20 -15.20
CA GLY D 27 -18.04 31.85 -14.11
C GLY D 27 -17.90 32.83 -12.96
N LYS D 28 -18.48 32.51 -11.81
CA LYS D 28 -18.50 33.41 -10.62
C LYS D 28 -17.11 33.55 -9.99
N TRP D 29 -16.27 32.51 -10.08
CA TRP D 29 -14.96 32.38 -9.38
C TRP D 29 -13.78 32.18 -10.34
N VAL D 30 -14.02 31.67 -11.56
CA VAL D 30 -12.99 31.02 -12.43
C VAL D 30 -13.35 31.30 -13.89
N LYS D 31 -12.32 31.45 -14.75
CA LYS D 31 -12.48 31.76 -16.20
C LYS D 31 -11.37 31.09 -17.02
N LEU D 32 -11.65 30.79 -18.30
CA LEU D 32 -10.75 30.12 -19.27
C LEU D 32 -10.48 31.09 -20.43
N GLU D 33 -9.28 30.99 -21.03
CA GLU D 33 -8.82 31.90 -22.13
C GLU D 33 -7.97 31.17 -23.16
N LYS D 34 -8.16 31.50 -24.45
CA LYS D 34 -7.17 31.27 -25.53
C LYS D 34 -6.15 32.42 -25.42
N THR D 35 -4.95 32.09 -24.94
CA THR D 35 -3.76 32.97 -24.85
C THR D 35 -2.93 32.80 -26.13
N THR D 36 -2.65 33.87 -26.88
CA THR D 36 -1.67 33.84 -28.00
C THR D 36 -0.36 34.50 -27.55
N TYR D 37 0.78 33.97 -28.00
CA TYR D 37 2.11 34.47 -27.59
C TYR D 37 3.12 34.14 -28.67
N MET D 38 4.24 34.86 -28.66
CA MET D 38 5.37 34.72 -29.59
C MET D 38 6.43 33.87 -28.89
N ASP D 39 6.78 32.73 -29.46
CA ASP D 39 7.91 31.89 -28.99
C ASP D 39 9.20 32.60 -29.34
N PRO D 40 10.38 32.12 -28.86
CA PRO D 40 11.63 32.82 -29.09
C PRO D 40 12.02 32.83 -30.58
N THR D 41 11.59 31.81 -31.34
CA THR D 41 11.92 31.60 -32.78
C THR D 41 11.06 32.52 -33.67
N GLY D 42 10.34 33.48 -33.08
CA GLY D 42 9.52 34.49 -33.79
C GLY D 42 8.14 33.96 -34.19
N LYS D 43 7.83 32.72 -33.83
CA LYS D 43 6.58 32.02 -34.25
C LYS D 43 5.47 32.22 -33.20
N THR D 44 4.26 32.52 -33.67
CA THR D 44 3.03 32.67 -32.84
C THR D 44 2.54 31.27 -32.43
N ARG D 45 2.10 31.09 -31.18
CA ARG D 45 1.45 29.85 -30.66
C ARG D 45 0.28 30.25 -29.76
N THR D 46 -0.56 29.29 -29.37
CA THR D 46 -1.71 29.54 -28.46
C THR D 46 -1.59 28.65 -27.21
N TRP D 47 -2.40 28.93 -26.19
CA TRP D 47 -2.46 28.21 -24.89
C TRP D 47 -3.84 28.38 -24.27
N GLU D 48 -4.33 27.36 -23.60
CA GLU D 48 -5.55 27.41 -22.77
C GLU D 48 -5.11 27.66 -21.31
N SER D 49 -5.46 28.83 -20.79
CA SER D 49 -5.07 29.34 -19.46
C SER D 49 -6.32 29.54 -18.61
N VAL D 50 -6.20 29.25 -17.31
CA VAL D 50 -7.26 29.43 -16.29
C VAL D 50 -6.85 30.61 -15.41
N LYS D 51 -7.81 31.45 -15.01
CA LYS D 51 -7.59 32.58 -14.06
C LYS D 51 -8.78 32.64 -13.11
N ARG D 52 -8.58 33.10 -11.88
CA ARG D 52 -9.70 33.43 -10.96
C ARG D 52 -10.22 34.80 -11.39
N THR D 53 -11.45 35.14 -10.97
CA THR D 53 -12.23 36.32 -11.40
C THR D 53 -12.05 37.45 -10.38
N THR D 54 -10.88 37.56 -9.77
CA THR D 54 -10.58 38.71 -8.88
C THR D 54 -9.08 38.92 -8.73
N ARG D 55 -8.70 40.12 -8.25
CA ARG D 55 -7.30 40.52 -7.92
C ARG D 55 -7.19 42.05 -7.83
N LYS D 56 -5.99 42.57 -8.09
CA LYS D 56 -5.63 44.02 -8.13
C LYS D 56 -4.18 44.11 -8.61
N GLU D 57 -3.56 45.30 -8.57
CA GLU D 57 -2.13 45.48 -8.90
C GLU D 57 -1.29 44.79 -7.81
N GLN D 58 -1.04 45.49 -6.69
CA GLN D 58 -0.32 44.94 -5.49
C GLN D 58 -1.22 43.87 -4.85
N THR D 59 -0.86 42.59 -4.99
CA THR D 59 -1.71 41.44 -4.60
C THR D 59 -0.96 40.09 -4.70
N ALA D 60 -1.74 39.05 -5.03
CA ALA D 60 -1.53 37.60 -5.24
C ALA D 60 -2.95 37.07 -4.98
N ASP D 61 -3.35 35.89 -5.43
CA ASP D 61 -4.75 35.42 -5.24
C ASP D 61 -4.97 35.13 -3.75
N GLY D 62 -4.06 34.39 -3.14
CA GLY D 62 -4.19 33.99 -1.72
C GLY D 62 -2.90 33.93 -0.92
N VAL D 63 -3.07 33.29 0.23
CA VAL D 63 -1.97 32.91 1.14
C VAL D 63 -2.14 31.43 1.44
N ALA D 64 -1.02 30.77 1.62
CA ALA D 64 -0.91 29.48 2.34
C ALA D 64 -0.03 29.78 3.55
N VAL D 65 -0.38 29.26 4.74
CA VAL D 65 0.37 29.46 6.00
C VAL D 65 1.10 28.17 6.38
N ILE D 66 2.39 28.32 6.69
CA ILE D 66 3.29 27.31 7.31
C ILE D 66 3.35 27.62 8.81
N PRO D 67 2.46 27.03 9.63
CA PRO D 67 2.40 27.31 11.06
C PRO D 67 3.27 26.37 11.92
N VAL D 68 4.39 26.85 12.47
CA VAL D 68 5.29 26.12 13.41
C VAL D 68 4.87 26.41 14.87
N LEU D 69 4.22 25.46 15.51
CA LEU D 69 3.77 25.53 16.92
C LEU D 69 4.94 25.17 17.86
N GLN D 70 5.45 26.15 18.62
CA GLN D 70 6.68 26.01 19.45
C GLN D 70 6.31 26.09 20.94
N ARG D 71 6.74 25.09 21.73
CA ARG D 71 6.65 25.07 23.22
C ARG D 71 8.03 24.74 23.79
N THR D 72 8.55 25.49 24.77
CA THR D 72 9.89 25.22 25.38
C THR D 72 9.88 23.75 25.82
N LEU D 73 11.00 23.03 25.68
CA LEU D 73 11.15 21.64 26.21
C LEU D 73 10.31 20.59 25.42
N HIS D 74 9.85 20.95 24.21
CA HIS D 74 9.05 20.04 23.37
C HIS D 74 9.45 20.19 21.89
N TYR D 75 9.16 19.17 21.08
CA TYR D 75 9.43 19.17 19.61
C TYR D 75 8.51 20.24 18.98
N GLU D 76 8.87 20.73 17.80
CA GLU D 76 8.02 21.62 16.95
C GLU D 76 6.98 20.77 16.21
N CYS D 77 5.80 21.35 15.99
CA CYS D 77 4.67 20.76 15.24
C CYS D 77 4.28 21.68 14.08
N ILE D 78 3.87 21.05 12.97
CA ILE D 78 3.39 21.75 11.75
C ILE D 78 1.88 21.56 11.75
N VAL D 79 1.15 22.67 11.80
CA VAL D 79 -0.32 22.64 11.97
C VAL D 79 -0.92 22.66 10.56
N LEU D 80 -1.54 21.57 10.19
CA LEU D 80 -2.21 21.46 8.87
C LEU D 80 -3.69 21.43 9.13
N VAL D 81 -4.47 21.42 8.05
CA VAL D 81 -5.95 21.38 8.10
C VAL D 81 -6.41 20.39 7.05
N LYS D 82 -7.42 19.56 7.35
CA LYS D 82 -8.11 18.73 6.33
C LYS D 82 -9.50 19.30 6.16
N GLN D 83 -9.97 19.19 4.93
CA GLN D 83 -11.27 19.72 4.47
C GLN D 83 -11.57 19.00 3.15
N PHE D 84 -12.85 18.75 2.88
CA PHE D 84 -13.35 18.29 1.56
C PHE D 84 -13.09 19.40 0.54
N ARG D 85 -12.54 19.04 -0.64
CA ARG D 85 -12.30 19.98 -1.75
C ARG D 85 -13.15 19.51 -2.94
N PRO D 86 -14.25 20.20 -3.29
CA PRO D 86 -15.09 19.78 -4.42
C PRO D 86 -14.33 19.44 -5.69
N PRO D 87 -13.31 20.23 -6.12
CA PRO D 87 -12.55 19.89 -7.32
C PRO D 87 -11.88 18.51 -7.25
N MET D 88 -11.42 18.12 -6.06
CA MET D 88 -10.68 16.86 -5.79
C MET D 88 -11.69 15.74 -5.45
N GLY D 89 -12.95 16.08 -5.21
CA GLY D 89 -13.94 15.08 -4.81
C GLY D 89 -13.50 14.29 -3.58
N GLY D 90 -12.65 14.88 -2.72
CA GLY D 90 -12.05 14.14 -1.61
C GLY D 90 -11.50 15.08 -0.59
N TYR D 91 -11.14 14.57 0.57
CA TYR D 91 -10.52 15.35 1.66
C TYR D 91 -9.04 15.57 1.30
N CYS D 92 -8.53 16.77 1.51
CA CYS D 92 -7.12 17.11 1.26
C CYS D 92 -6.53 17.59 2.57
N ILE D 93 -5.25 17.31 2.75
CA ILE D 93 -4.43 17.84 3.88
C ILE D 93 -3.54 18.93 3.29
N GLU D 94 -3.71 20.16 3.79
CA GLU D 94 -3.09 21.38 3.22
C GLU D 94 -2.49 22.19 4.35
N PHE D 95 -1.64 23.16 3.99
CA PHE D 95 -1.31 24.28 4.89
C PHE D 95 -2.62 25.04 4.99
N PRO D 96 -2.93 25.69 6.12
CA PRO D 96 -4.06 26.61 6.15
C PRO D 96 -3.86 27.67 5.04
N ALA D 97 -4.93 28.08 4.43
CA ALA D 97 -4.89 28.96 3.25
C ALA D 97 -6.22 29.68 3.15
N GLY D 98 -6.18 30.87 2.55
CA GLY D 98 -7.38 31.58 2.06
C GLY D 98 -7.04 32.65 1.03
N LEU D 99 -8.07 33.21 0.40
CA LEU D 99 -7.89 34.37 -0.54
C LEU D 99 -7.60 35.61 0.29
N ILE D 100 -6.83 36.55 -0.26
CA ILE D 100 -6.56 37.84 0.41
C ILE D 100 -7.78 38.74 0.12
N ASP D 101 -8.25 39.45 1.15
CA ASP D 101 -9.42 40.38 1.06
C ASP D 101 -8.90 41.69 0.48
N ASP D 102 -9.77 42.49 -0.16
CA ASP D 102 -9.38 43.80 -0.76
C ASP D 102 -8.75 44.67 0.33
N GLY D 103 -7.54 45.18 0.08
CA GLY D 103 -6.85 46.17 0.93
C GLY D 103 -6.41 45.58 2.28
N GLU D 104 -6.23 44.27 2.33
CA GLU D 104 -5.64 43.51 3.46
C GLU D 104 -4.31 42.96 2.96
N THR D 105 -3.25 43.10 3.75
CA THR D 105 -1.87 42.70 3.42
C THR D 105 -1.81 41.17 3.41
N PRO D 106 -0.83 40.55 2.72
CA PRO D 106 -0.62 39.10 2.86
C PRO D 106 -0.40 38.67 4.33
N GLU D 107 0.48 39.36 5.06
CA GLU D 107 0.84 39.04 6.47
C GLU D 107 -0.46 38.97 7.29
N ALA D 108 -1.35 39.94 7.12
CA ALA D 108 -2.52 40.09 8.01
C ALA D 108 -3.55 39.06 7.56
N ALA D 109 -3.60 38.72 6.27
CA ALA D 109 -4.47 37.63 5.80
C ALA D 109 -4.01 36.28 6.42
N ALA D 110 -2.71 36.00 6.42
CA ALA D 110 -2.19 34.72 6.95
C ALA D 110 -2.58 34.59 8.44
N LEU D 111 -2.29 35.60 9.26
CA LEU D 111 -2.67 35.54 10.71
C LEU D 111 -4.18 35.35 10.80
N ARG D 112 -4.97 35.93 9.89
CA ARG D 112 -6.44 35.87 10.05
C ARG D 112 -6.90 34.47 9.64
N GLU D 113 -6.46 34.02 8.48
CA GLU D 113 -6.76 32.67 7.95
C GLU D 113 -6.24 31.59 8.92
N LEU D 114 -5.10 31.77 9.59
CA LEU D 114 -4.62 30.73 10.55
C LEU D 114 -5.48 30.75 11.82
N GLU D 115 -5.78 31.92 12.37
CA GLU D 115 -6.71 32.03 13.53
C GLU D 115 -8.09 31.47 13.14
N GLU D 116 -8.63 31.82 11.97
CA GLU D 116 -9.94 31.31 11.50
C GLU D 116 -9.95 29.77 11.44
N GLU D 117 -9.04 29.19 10.65
CA GLU D 117 -9.07 27.74 10.29
C GLU D 117 -8.54 26.84 11.42
N THR D 118 -7.71 27.38 12.32
CA THR D 118 -7.04 26.61 13.42
C THR D 118 -7.34 27.16 14.83
N GLY D 119 -7.72 28.43 14.97
CA GLY D 119 -7.83 29.08 16.30
C GLY D 119 -6.51 29.63 16.82
N TYR D 120 -5.36 29.27 16.24
CA TYR D 120 -4.06 29.74 16.79
C TYR D 120 -3.82 31.21 16.41
N LYS D 121 -3.10 31.92 17.27
CA LYS D 121 -2.63 33.32 17.14
C LYS D 121 -1.12 33.26 16.93
N GLY D 122 -0.69 33.49 15.69
CA GLY D 122 0.70 33.33 15.25
C GLY D 122 1.42 34.65 15.27
N ASP D 123 2.74 34.60 15.10
CA ASP D 123 3.61 35.79 14.87
C ASP D 123 4.31 35.58 13.53
N ILE D 124 4.36 36.61 12.69
CA ILE D 124 4.91 36.52 11.31
C ILE D 124 6.40 36.21 11.45
N ALA D 125 6.89 35.16 10.77
CA ALA D 125 8.34 34.86 10.70
C ALA D 125 8.87 35.45 9.40
N GLU D 126 8.22 35.17 8.27
CA GLU D 126 8.71 35.59 6.94
C GLU D 126 7.55 35.47 5.96
N CYS D 127 7.62 36.15 4.81
CA CYS D 127 6.56 36.14 3.78
C CYS D 127 7.23 36.02 2.41
N SER D 128 6.76 35.09 1.58
CA SER D 128 7.29 34.87 0.22
C SER D 128 6.77 35.97 -0.69
N PRO D 129 7.43 36.25 -1.82
CA PRO D 129 6.80 37.05 -2.86
C PRO D 129 5.73 36.11 -3.42
N ALA D 130 4.99 36.58 -4.41
CA ALA D 130 3.92 35.82 -5.07
C ALA D 130 4.54 34.64 -5.85
N VAL D 131 4.02 33.43 -5.56
CA VAL D 131 4.59 32.17 -6.13
C VAL D 131 3.42 31.49 -6.87
N CYS D 132 3.71 30.85 -8.02
CA CYS D 132 2.71 30.30 -8.98
C CYS D 132 2.26 28.93 -8.48
N MET D 133 0.97 28.66 -8.59
CA MET D 133 0.33 27.43 -8.07
C MET D 133 0.45 26.29 -9.09
N ASP D 134 0.28 26.59 -10.36
CA ASP D 134 0.36 25.61 -11.46
C ASP D 134 0.57 26.35 -12.76
N PRO D 135 1.81 26.81 -13.08
CA PRO D 135 1.97 27.87 -14.07
C PRO D 135 1.71 27.41 -15.52
N GLY D 136 1.78 26.11 -15.80
CA GLY D 136 1.46 25.51 -17.11
C GLY D 136 -0.04 25.47 -17.39
N LEU D 137 -0.87 25.90 -16.43
CA LEU D 137 -2.35 25.80 -16.48
C LEU D 137 -3.04 27.12 -16.10
N SER D 138 -2.61 27.80 -15.04
CA SER D 138 -3.34 28.94 -14.43
C SER D 138 -2.37 30.07 -14.07
N ASN D 139 -2.90 31.28 -13.84
CA ASN D 139 -2.09 32.47 -13.46
C ASN D 139 -2.08 32.54 -11.95
N CYS D 140 -2.60 31.51 -11.27
CA CYS D 140 -2.88 31.57 -9.82
C CYS D 140 -1.56 31.63 -9.04
N THR D 141 -1.53 32.52 -8.05
CA THR D 141 -0.35 32.78 -7.19
C THR D 141 -0.78 32.90 -5.73
N ILE D 142 0.16 32.64 -4.84
CA ILE D 142 -0.06 32.90 -3.40
C ILE D 142 1.23 33.51 -2.84
N HIS D 143 1.11 34.07 -1.66
CA HIS D 143 2.25 34.25 -0.74
C HIS D 143 2.23 33.05 0.20
N ILE D 144 3.39 32.41 0.36
CA ILE D 144 3.64 31.48 1.48
C ILE D 144 4.19 32.24 2.71
N VAL D 145 3.42 32.24 3.80
CA VAL D 145 3.78 33.00 5.03
C VAL D 145 4.15 32.00 6.12
N THR D 146 5.40 32.04 6.61
CA THR D 146 5.85 31.20 7.75
C THR D 146 5.40 31.93 9.02
N VAL D 147 4.75 31.23 9.96
CA VAL D 147 4.14 31.84 11.18
C VAL D 147 4.45 30.99 12.43
N THR D 148 5.17 31.54 13.40
CA THR D 148 5.51 30.80 14.66
C THR D 148 4.36 30.99 15.64
N ILE D 149 3.87 29.89 16.21
CA ILE D 149 2.80 29.91 17.24
C ILE D 149 3.51 29.73 18.58
N ASN D 150 3.24 30.60 19.54
CA ASN D 150 3.88 30.56 20.89
C ASN D 150 2.95 29.73 21.76
N GLY D 151 3.13 28.40 21.74
CA GLY D 151 2.22 27.42 22.39
C GLY D 151 2.27 27.46 23.91
N ASP D 152 3.15 28.29 24.49
CA ASP D 152 3.27 28.54 25.95
C ASP D 152 2.64 29.89 26.32
N ASP D 153 1.42 30.16 25.82
CA ASP D 153 0.65 31.40 26.11
C ASP D 153 -0.82 31.15 25.76
N GLU D 155 -3.13 32.15 25.39
CA GLU D 155 -4.18 32.28 24.34
C GLU D 155 -4.17 31.05 23.42
N ASN D 156 -3.00 30.41 23.26
CA ASN D 156 -2.73 29.30 22.32
C ASN D 156 -2.69 27.99 23.11
N ALA D 157 -3.38 27.90 24.24
CA ALA D 157 -3.35 26.74 25.16
C ALA D 157 -4.17 25.60 24.54
N ARG D 158 -5.43 25.87 24.18
CA ARG D 158 -6.33 24.91 23.49
C ARG D 158 -7.37 25.73 22.71
N PRO D 159 -6.94 26.47 21.67
CA PRO D 159 -7.89 27.23 20.83
C PRO D 159 -8.72 26.30 19.94
N LYS D 160 -9.83 26.82 19.40
CA LYS D 160 -10.78 26.11 18.48
C LYS D 160 -11.06 26.99 17.26
N PRO D 161 -11.29 26.39 16.07
CA PRO D 161 -11.40 27.16 14.82
C PRO D 161 -12.67 28.02 14.84
N LYS D 162 -12.63 29.21 14.23
CA LYS D 162 -13.83 30.05 13.92
C LYS D 162 -14.05 30.10 12.41
N PRO D 163 -14.63 29.04 11.80
CA PRO D 163 -14.79 29.00 10.35
C PRO D 163 -15.77 30.05 9.82
N GLY D 164 -15.65 30.40 8.53
CA GLY D 164 -16.71 31.10 7.77
C GLY D 164 -17.90 30.18 7.55
N ASP D 165 -18.95 30.68 6.90
CA ASP D 165 -20.15 29.87 6.54
C ASP D 165 -19.76 28.91 5.42
N GLY D 166 -20.21 27.65 5.49
CA GLY D 166 -19.82 26.60 4.53
C GLY D 166 -18.33 26.29 4.53
N GLU D 167 -17.60 26.62 5.62
CA GLU D 167 -16.18 26.27 5.85
C GLU D 167 -16.13 25.23 6.97
N PHE D 168 -15.59 24.03 6.67
CA PHE D 168 -15.54 22.87 7.60
C PHE D 168 -14.11 22.29 7.55
N VAL D 169 -13.32 22.53 8.61
CA VAL D 169 -11.86 22.27 8.63
C VAL D 169 -11.47 21.53 9.92
N GLU D 170 -10.77 20.40 9.80
CA GLU D 170 -10.16 19.69 10.97
C GLU D 170 -8.70 20.14 11.07
N VAL D 171 -8.23 20.46 12.26
CA VAL D 171 -6.80 20.72 12.51
C VAL D 171 -6.12 19.34 12.53
N ILE D 172 -4.95 19.24 11.90
CA ILE D 172 -4.07 18.04 12.03
C ILE D 172 -2.66 18.53 12.35
N SER D 173 -2.25 18.40 13.60
CA SER D 173 -0.95 18.88 14.12
C SER D 173 0.04 17.72 14.08
N LEU D 174 1.04 17.76 13.18
CA LEU D 174 2.03 16.67 13.03
C LEU D 174 3.41 17.17 13.46
N PRO D 175 4.23 16.29 14.08
CA PRO D 175 5.56 16.69 14.52
C PRO D 175 6.33 17.06 13.25
N LYS D 176 7.06 18.16 13.31
CA LYS D 176 7.97 18.58 12.23
C LYS D 176 8.94 17.42 11.93
N ASN D 177 9.34 16.67 12.95
CA ASN D 177 10.52 15.77 12.92
C ASN D 177 10.22 14.49 12.14
N ASP D 178 8.96 14.13 11.93
CA ASP D 178 8.66 12.91 11.15
C ASP D 178 7.53 13.21 10.19
N LEU D 179 7.47 14.42 9.63
CA LEU D 179 6.32 14.87 8.80
C LEU D 179 6.09 13.94 7.60
N LEU D 180 7.15 13.63 6.85
CA LEU D 180 7.00 12.86 5.60
C LEU D 180 6.38 11.50 5.90
N GLN D 181 6.87 10.80 6.94
CA GLN D 181 6.42 9.41 7.29
C GLN D 181 4.95 9.48 7.69
N ARG D 182 4.63 10.44 8.57
CA ARG D 182 3.27 10.69 9.10
C ARG D 182 2.32 10.99 7.94
N LEU D 183 2.76 11.76 6.94
CA LEU D 183 1.95 12.03 5.73
C LEU D 183 1.78 10.75 4.92
N ASP D 184 2.86 10.01 4.67
CA ASP D 184 2.77 8.77 3.86
C ASP D 184 1.84 7.78 4.57
N ALA D 185 1.86 7.74 5.91
CA ALA D 185 0.99 6.87 6.73
C ALA D 185 -0.49 7.23 6.54
N LEU D 186 -0.83 8.52 6.50
CA LEU D 186 -2.23 8.97 6.32
C LEU D 186 -2.72 8.52 4.94
N VAL D 187 -1.85 8.61 3.95
CA VAL D 187 -2.17 8.30 2.54
C VAL D 187 -2.35 6.78 2.38
N ALA D 188 -1.67 5.96 3.19
CA ALA D 188 -1.73 4.49 3.00
C ALA D 188 -3.07 3.97 3.57
N GLU D 189 -3.58 4.67 4.58
CA GLU D 189 -4.65 4.14 5.48
C GLU D 189 -5.98 4.88 5.23
N GLU D 190 -5.98 6.09 4.67
CA GLU D 190 -7.20 6.94 4.60
C GLU D 190 -7.42 7.45 3.17
N HIS D 191 -8.69 7.70 2.85
CA HIS D 191 -9.15 8.32 1.59
C HIS D 191 -8.85 9.81 1.72
N LEU D 192 -7.66 10.21 1.31
CA LEU D 192 -7.34 11.66 1.32
C LEU D 192 -6.10 11.86 0.46
N THR D 193 -5.92 13.08 -0.04
CA THR D 193 -4.79 13.52 -0.88
C THR D 193 -3.99 14.57 -0.10
N VAL D 194 -2.67 14.45 -0.12
CA VAL D 194 -1.77 15.42 0.53
C VAL D 194 -1.49 16.43 -0.55
N ASP D 195 -1.37 17.68 -0.15
CA ASP D 195 -1.04 18.76 -1.07
C ASP D 195 0.43 18.62 -1.50
N ALA D 196 0.72 19.05 -2.72
CA ALA D 196 2.08 19.07 -3.30
C ALA D 196 3.01 20.00 -2.51
N ARG D 197 2.49 21.13 -2.01
CA ARG D 197 3.35 22.10 -1.29
C ARG D 197 3.66 21.54 0.10
N VAL D 198 2.72 20.84 0.74
CA VAL D 198 2.96 20.17 2.06
C VAL D 198 3.98 19.03 1.86
N TYR D 199 3.83 18.28 0.79
CA TYR D 199 4.70 17.15 0.46
C TYR D 199 6.11 17.67 0.13
N SER D 200 6.25 18.79 -0.59
CA SER D 200 7.60 19.33 -0.93
C SER D 200 8.26 19.79 0.35
N TYR D 201 7.50 20.46 1.23
CA TYR D 201 7.96 20.90 2.56
C TYR D 201 8.52 19.68 3.29
N ALA D 202 7.73 18.60 3.38
CA ALA D 202 8.08 17.37 4.14
C ALA D 202 9.33 16.68 3.53
N LEU D 203 9.41 16.55 2.22
CA LEU D 203 10.61 16.03 1.51
C LEU D 203 11.87 16.82 1.86
N ALA D 204 11.79 18.14 1.79
CA ALA D 204 12.96 19.01 2.02
C ALA D 204 13.46 18.87 3.48
N LEU D 205 12.59 18.56 4.45
CA LEU D 205 13.01 18.38 5.88
C LEU D 205 13.94 17.17 5.98
N LYS D 206 13.72 16.20 5.10
CA LYS D 206 14.55 14.97 5.05
C LYS D 206 15.79 15.28 4.19
N HIS D 207 15.64 16.01 3.08
CA HIS D 207 16.78 16.26 2.15
C HIS D 207 17.80 17.25 2.74
N ALA D 208 17.39 18.19 3.60
CA ALA D 208 18.30 19.18 4.24
C ALA D 208 19.57 18.47 4.73
N ASN D 209 20.68 19.23 4.70
CA ASN D 209 22.10 18.83 4.90
C ASN D 209 22.72 18.46 3.54
MG MG E . -5.44 -18.27 18.75
MG MG F . -7.51 -17.72 21.19
N1 PWJ G . 5.82 -38.91 5.52
C4 PWJ G . 6.38 -38.47 4.35
C5 PWJ G . 6.62 -39.38 3.36
C6 PWJ G . 7.12 -38.83 1.95
C7 PWJ G . 6.33 -40.81 3.61
C8 PWJ G . 6.57 -41.85 2.68
N PWJ G . 4.95 -40.39 6.99
C PWJ G . 5.78 -41.19 4.80
C1 PWJ G . 5.48 -40.25 5.78
C2 PWJ G . 4.99 -39.13 7.52
C3 PWJ G . 5.51 -38.21 6.65
F PWJ G . 7.61 -37.56 2.01
F1 PWJ G . 8.09 -39.50 1.31
F2 PWJ G . 6.14 -38.75 1.03
N2 PWJ G . 6.77 -42.65 1.91
CL PWJ G . 5.44 -42.79 5.18
C1 EDO H . -5.51 -27.03 13.64
O1 EDO H . -4.25 -27.65 13.87
C2 EDO H . -5.44 -25.56 13.93
O2 EDO H . -4.84 -24.89 12.85
C1 EDO I . -18.30 0.79 6.04
O1 EDO I . -17.21 1.16 5.23
C2 EDO I . -18.22 1.49 7.31
O2 EDO I . -18.05 0.66 8.43
CL CL J . 1.04 -14.93 -11.93
C1 EDO K . 1.21 -17.49 -22.31
O1 EDO K . 2.57 -17.69 -21.97
C2 EDO K . 0.82 -18.07 -23.63
O2 EDO K . 0.06 -19.29 -23.54
MG MG L . 3.46 -33.95 -3.21
MG MG M . 6.28 -35.46 -6.24
N1 PWJ N . -1.79 -27.11 22.18
C4 PWJ N . -2.91 -26.30 22.30
C5 PWJ N . -3.05 -25.61 23.47
C6 PWJ N . -4.20 -24.58 23.62
C7 PWJ N . -2.07 -25.80 24.55
C8 PWJ N . -2.21 -25.17 25.84
N PWJ N . 0.19 -28.11 22.83
C PWJ N . -0.99 -26.62 24.41
C1 PWJ N . -0.81 -27.29 23.22
C2 PWJ N . -0.18 -28.45 21.55
C3 PWJ N . -1.35 -27.85 21.13
F PWJ N . -4.83 -24.69 24.80
F1 PWJ N . -3.90 -23.30 23.53
F2 PWJ N . -5.09 -24.68 22.65
N2 PWJ N . -2.38 -24.66 26.84
CL PWJ N . 0.19 -26.82 25.62
C1 EDO O . 4.82 -29.41 4.22
O1 EDO O . 3.41 -29.27 4.17
C2 EDO O . 5.36 -29.24 5.59
O2 EDO O . 4.82 -30.18 6.52
C1 EDO P . 25.74 7.56 -13.70
O1 EDO P . 24.96 8.60 -14.34
C2 EDO P . 25.38 7.32 -12.29
O2 EDO P . 24.18 6.61 -12.05
MG MG Q . 7.61 18.80 -20.54
MG MG R . 7.63 20.74 -18.81
C1 EDO S . 2.19 22.04 -19.16
O1 EDO S . 3.49 22.14 -19.65
C2 EDO S . 2.06 21.26 -17.91
O2 EDO S . 2.26 21.96 -16.69
C1 EDO T . 0.94 19.87 -13.75
O1 EDO T . 1.14 20.74 -12.64
C2 EDO T . -0.45 19.38 -13.86
O2 EDO T . -1.42 20.41 -14.05
N1 PWJ U . -1.49 22.82 -22.12
C4 PWJ U . -0.47 21.90 -22.22
C5 PWJ U . 0.25 21.80 -23.38
C6 PWJ U . 1.51 20.87 -23.43
C7 PWJ U . -0.14 22.63 -24.53
C8 PWJ U . 0.53 22.58 -25.78
N PWJ U . -2.85 24.52 -22.82
C PWJ U . -1.17 23.51 -24.44
C1 PWJ U . -1.87 23.67 -23.21
C2 PWJ U . -3.10 24.21 -21.48
C3 PWJ U . -2.31 23.19 -21.04
F PWJ U . 2.13 20.69 -24.66
F1 PWJ U . 1.24 19.64 -22.94
F2 PWJ U . 2.54 21.26 -22.63
N2 PWJ U . 1.04 22.61 -26.82
CL PWJ U . -1.64 24.42 -25.79
N1 PWJ V . -14.04 29.21 -5.20
C4 PWJ V . -13.66 29.88 -4.04
C5 PWJ V . -14.60 30.05 -3.04
C6 PWJ V . -14.26 30.81 -1.74
C7 PWJ V . -15.95 29.52 -3.21
C8 PWJ V . -16.87 29.46 -2.12
N PWJ V . -15.48 28.09 -6.67
C PWJ V . -16.33 28.90 -4.38
C1 PWJ V . -15.38 28.70 -5.43
C2 PWJ V . -14.18 28.25 -7.24
C3 PWJ V . -13.30 28.91 -6.36
F PWJ V . -12.96 31.18 -1.62
F1 PWJ V . -14.57 30.11 -0.63
F2 PWJ V . -14.95 31.98 -1.60
N2 PWJ V . -17.62 29.39 -1.22
CL PWJ V . -17.90 28.44 -4.60
MG MG W . -9.14 27.92 3.68
MG MG X . -10.05 29.89 3.46
C1 EDO Y . -5.30 30.12 -5.58
O1 EDO Y . -5.37 29.44 -6.84
C2 EDO Y . -4.25 29.65 -4.63
O2 EDO Y . -4.38 28.34 -4.13
#